data_4OWS
#
_entry.id   4OWS
#
_cell.length_a   79.726
_cell.length_b   91.780
_cell.length_c   120.567
_cell.angle_alpha   90.000
_cell.angle_beta   90.000
_cell.angle_gamma   90.000
#
_symmetry.space_group_name_H-M   'P 21 21 21'
#
loop_
_entity.id
_entity.type
_entity.pdbx_description
1 polymer 'Anthranilate phosphoribosyltransferase'
2 non-polymer 'PYROPHOSPHATE 2-'
3 non-polymer '2-azanyl-4-methyl-benzoic acid'
4 non-polymer IMIDAZOLE
5 water water
#
_entity_poly.entity_id   1
_entity_poly.type   'polypeptide(L)'
_entity_poly.pdbx_seq_one_letter_code
;MALSAEGSSGGSRGGSPKAEAASVPSWPQILGRLTDNRDLARGQAAWAMDQIMTGNARPAQIAAFAVAMTMKAPTADEVG
ELAGVMLSHAHPLPADTVPDDAVDVVGTGGDGVNTVNLSTMAAIVVAAAGVPVVKHGNRAASSLSGGADTLEALGVRIDL
GPDLVARSLAEVGIGFCFAPRFHPSYRHAAAVRREIGVPTVFNLLGPLTNPARPRAGLIGCAFADLAEVMAGVFAARRSS
VLVVHGDDGLDELTTTTTSTIWRVAAGSVDKLTFDPAGFGFARAQLDQLAGGDAQANAAAVRAVLGGARGPVRDAVVLNA
AGAIVAHAGLSSRAEWLPAWEEGLRRASAAIDTGAAEQLLARWVRFGRQILEHHHHHH
;
_entity_poly.pdbx_strand_id   A,B
#
loop_
_chem_comp.id
_chem_comp.type
_chem_comp.name
_chem_comp.formula
4M0 non-polymer '2-azanyl-4-methyl-benzoic acid' 'C8 H9 N O2'
IMD non-polymer IMIDAZOLE 'C3 H5 N2 1'
POP non-polymer 'PYROPHOSPHATE 2-' 'H2 O7 P2 -2'
#
# COMPACT_ATOMS: atom_id res chain seq x y z
N PRO A 25 -17.81 8.00 6.44
CA PRO A 25 -16.43 7.66 6.01
C PRO A 25 -15.86 6.45 6.75
N SER A 26 -14.95 5.74 6.10
CA SER A 26 -14.42 4.52 6.66
C SER A 26 -13.16 4.11 5.94
N TRP A 27 -12.38 3.24 6.57
CA TRP A 27 -11.18 2.74 5.95
C TRP A 27 -11.43 2.02 4.64
N PRO A 28 -12.42 1.11 4.60
CA PRO A 28 -12.60 0.42 3.34
C PRO A 28 -12.93 1.39 2.20
N GLN A 29 -13.66 2.46 2.48
CA GLN A 29 -14.01 3.45 1.46
C GLN A 29 -12.78 4.29 1.05
N ILE A 30 -12.04 4.77 2.03
CA ILE A 30 -10.89 5.62 1.77
C ILE A 30 -9.75 4.79 1.15
N LEU A 31 -9.45 3.65 1.75
CA LEU A 31 -8.47 2.75 1.16
C LEU A 31 -8.87 2.32 -0.24
N GLY A 32 -10.14 1.98 -0.45
CA GLY A 32 -10.63 1.55 -1.78
C GLY A 32 -10.43 2.58 -2.87
N ARG A 33 -10.66 3.83 -2.53
CA ARG A 33 -10.58 4.93 -3.46
C ARG A 33 -9.12 5.16 -3.88
N LEU A 34 -8.22 5.11 -2.89
CA LEU A 34 -6.76 5.18 -3.15
C LEU A 34 -6.21 4.04 -4.00
N THR A 35 -6.67 2.81 -3.80
CA THR A 35 -6.15 1.68 -4.62
C THR A 35 -6.80 1.68 -6.00
N ASP A 36 -7.99 2.24 -6.08
CA ASP A 36 -8.57 2.51 -7.39
C ASP A 36 -7.90 3.70 -8.00
N ASN A 37 -6.89 4.23 -7.32
CA ASN A 37 -6.04 5.23 -7.90
C ASN A 37 -6.72 6.60 -8.09
N ARG A 38 -7.71 6.87 -7.25
CA ARG A 38 -8.43 8.14 -7.30
C ARG A 38 -8.00 9.06 -6.15
N ASP A 39 -7.96 10.35 -6.43
CA ASP A 39 -7.81 11.35 -5.39
C ASP A 39 -8.96 11.22 -4.42
N LEU A 40 -8.71 11.50 -3.14
CA LEU A 40 -9.75 11.45 -2.13
C LEU A 40 -10.74 12.62 -2.29
N ALA A 41 -11.91 12.48 -1.66
CA ALA A 41 -12.80 13.61 -1.51
C ALA A 41 -12.31 14.50 -0.37
N ARG A 42 -12.68 15.77 -0.42
CA ARG A 42 -12.34 16.73 0.63
C ARG A 42 -12.77 16.22 2.00
N GLY A 43 -11.87 16.28 2.98
CA GLY A 43 -12.13 15.80 4.34
C GLY A 43 -11.75 14.34 4.62
N GLN A 44 -11.55 13.52 3.60
CA GLN A 44 -11.19 12.11 3.82
C GLN A 44 -9.79 11.91 4.36
N ALA A 45 -8.82 12.64 3.83
CA ALA A 45 -7.48 12.56 4.37
C ALA A 45 -7.47 13.08 5.80
N ALA A 46 -8.19 14.16 6.05
CA ALA A 46 -8.32 14.71 7.40
C ALA A 46 -8.93 13.71 8.39
N TRP A 47 -10.06 13.11 8.02
CA TRP A 47 -10.64 12.06 8.85
C TRP A 47 -9.64 10.95 9.11
N ALA A 48 -8.89 10.51 8.09
CA ALA A 48 -7.93 9.43 8.27
C ALA A 48 -6.79 9.79 9.23
N MET A 49 -6.24 10.98 9.06
CA MET A 49 -5.23 11.47 9.95
C MET A 49 -5.75 11.65 11.38
N ASP A 50 -6.97 12.13 11.53
CA ASP A 50 -7.55 12.25 12.87
C ASP A 50 -7.64 10.90 13.57
N GLN A 51 -8.15 9.89 12.87
CA GLN A 51 -8.21 8.54 13.43
C GLN A 51 -6.84 8.08 13.88
N ILE A 52 -5.84 8.36 13.06
CA ILE A 52 -4.46 8.00 13.38
C ILE A 52 -3.92 8.76 14.61
N MET A 53 -4.22 10.04 14.73
CA MET A 53 -3.66 10.86 15.82
C MET A 53 -4.37 10.61 17.14
N THR A 54 -5.58 10.11 17.10
CA THR A 54 -6.33 9.80 18.30
C THR A 54 -6.15 8.36 18.76
N GLY A 55 -5.28 7.60 18.11
CA GLY A 55 -5.07 6.22 18.52
C GLY A 55 -6.18 5.29 18.12
N ASN A 56 -7.06 5.73 17.23
CA ASN A 56 -8.16 4.88 16.77
C ASN A 56 -7.91 4.09 15.51
N ALA A 57 -6.75 4.28 14.91
CA ALA A 57 -6.42 3.50 13.73
C ALA A 57 -5.59 2.32 14.18
N ARG A 58 -5.90 1.14 13.64
CA ARG A 58 -5.04 -0.04 13.85
C ARG A 58 -3.78 0.15 13.02
N PRO A 59 -2.65 -0.39 13.47
CA PRO A 59 -1.41 -0.29 12.70
C PRO A 59 -1.57 -0.72 11.22
N ALA A 60 -2.32 -1.78 10.98
CA ALA A 60 -2.54 -2.20 9.60
C ALA A 60 -3.25 -1.11 8.77
N GLN A 61 -4.20 -0.39 9.37
CA GLN A 61 -4.88 0.71 8.65
C GLN A 61 -3.93 1.84 8.40
N ILE A 62 -3.12 2.13 9.38
CA ILE A 62 -2.15 3.20 9.23
C ILE A 62 -1.25 2.91 8.04
N ALA A 63 -0.72 1.68 8.01
CA ALA A 63 0.25 1.26 7.00
C ALA A 63 -0.42 1.27 5.63
N ALA A 64 -1.61 0.67 5.55
CA ALA A 64 -2.34 0.60 4.32
C ALA A 64 -2.52 2.01 3.77
N PHE A 65 -2.86 2.95 4.65
CA PHE A 65 -3.15 4.30 4.21
C PHE A 65 -1.89 5.00 3.69
N ALA A 66 -0.81 4.91 4.43
CA ALA A 66 0.43 5.57 4.05
C ALA A 66 0.92 5.08 2.71
N VAL A 67 0.87 3.77 2.52
CA VAL A 67 1.34 3.16 1.28
C VAL A 67 0.41 3.50 0.13
N ALA A 68 -0.89 3.29 0.32
CA ALA A 68 -1.86 3.59 -0.71
C ALA A 68 -1.79 5.06 -1.18
N MET A 69 -1.63 5.98 -0.25
CA MET A 69 -1.49 7.38 -0.67
C MET A 69 -0.16 7.68 -1.37
N THR A 70 0.91 7.04 -0.92
CA THR A 70 2.18 7.18 -1.58
C THR A 70 2.11 6.72 -3.05
N MET A 71 1.45 5.62 -3.32
CA MET A 71 1.48 5.03 -4.65
C MET A 71 0.42 5.64 -5.58
N LYS A 72 -0.68 6.13 -5.02
CA LYS A 72 -1.65 6.91 -5.78
C LYS A 72 -0.98 8.26 -6.10
N ALA A 73 -0.32 8.86 -5.13
CA ALA A 73 0.44 10.12 -5.33
C ALA A 73 -0.41 11.21 -4.74
N PRO A 74 0.03 11.76 -3.61
CA PRO A 74 -0.81 12.70 -2.89
C PRO A 74 -0.83 14.06 -3.57
N THR A 75 -1.96 14.73 -3.50
CA THR A 75 -2.10 16.10 -3.98
C THR A 75 -1.86 17.05 -2.85
N ALA A 76 -1.66 18.30 -3.23
CA ALA A 76 -1.36 19.37 -2.27
C ALA A 76 -2.50 19.48 -1.25
N ASP A 77 -3.74 19.43 -1.73
CA ASP A 77 -4.92 19.46 -0.87
C ASP A 77 -4.91 18.36 0.16
N GLU A 78 -4.57 17.14 -0.26
CA GLU A 78 -4.55 16.01 0.66
C GLU A 78 -3.48 16.16 1.74
N VAL A 79 -2.30 16.54 1.31
CA VAL A 79 -1.17 16.72 2.23
C VAL A 79 -1.49 17.87 3.20
N GLY A 80 -2.18 18.90 2.72
CA GLY A 80 -2.59 19.99 3.58
C GLY A 80 -3.52 19.53 4.69
N GLU A 81 -4.43 18.61 4.39
CA GLU A 81 -5.31 18.09 5.40
C GLU A 81 -4.56 17.24 6.43
N LEU A 82 -3.61 16.45 5.98
CA LEU A 82 -2.82 15.62 6.93
C LEU A 82 -2.00 16.46 7.91
N ALA A 83 -1.31 17.46 7.36
CA ALA A 83 -0.47 18.31 8.16
C ALA A 83 -1.28 19.19 9.10
N GLY A 84 -2.41 19.74 8.64
CA GLY A 84 -3.26 20.56 9.48
C GLY A 84 -3.88 19.78 10.64
N VAL A 85 -4.27 18.54 10.38
CA VAL A 85 -4.77 17.68 11.44
C VAL A 85 -3.64 17.36 12.40
N MET A 86 -2.45 17.10 11.88
CA MET A 86 -1.32 16.80 12.73
C MET A 86 -0.98 18.00 13.62
N LEU A 87 -0.90 19.19 13.04
CA LEU A 87 -0.67 20.38 13.85
C LEU A 87 -1.72 20.68 14.93
N SER A 88 -2.96 20.31 14.68
CA SER A 88 -4.02 20.60 15.63
C SER A 88 -3.92 19.74 16.90
N HIS A 89 -3.07 18.71 16.86
CA HIS A 89 -2.78 17.88 18.03
C HIS A 89 -1.41 18.25 18.65
N ALA A 90 -0.64 19.15 18.02
CA ALA A 90 0.71 19.50 18.51
C ALA A 90 0.70 20.46 19.68
N HIS A 91 1.78 20.44 20.47
CA HIS A 91 1.96 21.48 21.50
C HIS A 91 2.42 22.74 20.79
N PRO A 92 1.72 23.87 21.04
CA PRO A 92 2.17 25.13 20.48
C PRO A 92 3.26 25.74 21.34
N LEU A 93 4.03 26.63 20.75
CA LEU A 93 4.84 27.57 21.54
C LEU A 93 3.93 28.67 22.13
N PRO A 94 4.33 29.28 23.28
CA PRO A 94 3.55 30.36 23.90
C PRO A 94 3.31 31.51 22.91
N ALA A 95 2.06 31.94 22.74
CA ALA A 95 1.71 32.99 21.75
C ALA A 95 2.55 34.26 21.94
N ASP A 96 2.85 34.94 20.82
CA ASP A 96 3.71 36.16 20.82
C ASP A 96 5.14 35.90 21.33
N THR A 97 5.72 34.75 20.95
CA THR A 97 7.12 34.42 21.28
C THR A 97 7.95 33.89 20.12
N VAL A 98 7.35 33.74 18.95
CA VAL A 98 8.08 33.44 17.72
C VAL A 98 7.97 34.69 16.82
N PRO A 99 9.11 35.28 16.40
CA PRO A 99 8.98 36.48 15.57
C PRO A 99 8.15 36.26 14.30
N ASP A 100 7.46 37.30 13.86
CA ASP A 100 6.74 37.25 12.58
C ASP A 100 7.65 36.72 11.42
N ASP A 101 8.96 36.82 11.59
CA ASP A 101 9.86 36.54 10.49
C ASP A 101 10.84 35.36 10.70
N ALA A 102 10.52 34.42 11.58
CA ALA A 102 11.36 33.27 11.77
C ALA A 102 11.36 32.34 10.55
N VAL A 103 12.48 31.63 10.34
CA VAL A 103 12.60 30.70 9.23
C VAL A 103 13.05 29.30 9.65
N ASP A 104 12.68 28.34 8.83
CA ASP A 104 13.07 26.95 9.05
C ASP A 104 14.05 26.67 7.94
N VAL A 105 14.96 25.73 8.21
CA VAL A 105 15.90 25.23 7.24
C VAL A 105 15.89 23.73 7.41
N VAL A 106 15.41 23.00 6.41
CA VAL A 106 15.18 21.57 6.62
C VAL A 106 14.88 20.78 5.36
N GLY A 107 15.57 19.63 5.20
CA GLY A 107 15.26 18.64 4.17
C GLY A 107 14.32 17.52 4.62
N THR A 108 13.78 16.76 3.66
CA THR A 108 12.95 15.55 3.93
C THR A 108 13.81 14.30 4.16
N GLY A 109 15.11 14.38 3.89
CA GLY A 109 16.02 13.26 4.12
C GLY A 109 15.93 12.26 3.00
N VAL A 113 21.59 9.41 1.04
CA VAL A 113 22.88 9.77 0.48
C VAL A 113 23.97 10.02 1.54
N ASN A 114 23.74 9.58 2.78
CA ASN A 114 24.77 9.56 3.85
C ASN A 114 25.72 10.78 3.94
N THR A 115 25.15 11.98 3.79
CA THR A 115 25.90 13.24 3.71
C THR A 115 26.18 13.91 5.04
N VAL A 116 26.96 15.00 4.99
CA VAL A 116 27.14 15.92 6.14
C VAL A 116 25.86 16.77 6.32
N ASN A 117 25.54 17.18 7.55
CA ASN A 117 24.27 17.86 7.83
C ASN A 117 24.35 19.32 7.38
N LEU A 118 24.14 19.52 6.09
CA LEU A 118 24.19 20.82 5.47
C LEU A 118 23.16 21.77 6.06
N SER A 119 21.99 21.25 6.44
CA SER A 119 20.88 22.07 6.89
C SER A 119 21.12 22.62 8.27
N THR A 120 21.67 21.78 9.11
CA THR A 120 21.97 22.15 10.46
C THR A 120 23.05 23.26 10.45
N MET A 121 24.06 23.12 9.61
CA MET A 121 25.09 24.13 9.47
C MET A 121 24.52 25.44 8.90
N ALA A 122 23.72 25.31 7.86
CA ALA A 122 23.08 26.47 7.26
C ALA A 122 22.25 27.17 8.32
N ALA A 123 21.44 26.43 9.04
CA ALA A 123 20.59 27.03 10.07
C ALA A 123 21.40 27.90 11.04
N ILE A 124 22.54 27.39 11.45
CA ILE A 124 23.37 28.09 12.39
C ILE A 124 23.91 29.35 11.74
N VAL A 125 24.22 29.27 10.44
CA VAL A 125 24.82 30.39 9.75
C VAL A 125 23.76 31.47 9.54
N VAL A 126 22.56 31.04 9.20
CA VAL A 126 21.45 31.97 9.00
C VAL A 126 21.14 32.78 10.26
N ALA A 127 21.07 32.09 11.40
CA ALA A 127 20.88 32.72 12.69
C ALA A 127 22.00 33.71 13.00
N ALA A 128 23.23 33.28 12.77
CA ALA A 128 24.42 34.16 12.97
C ALA A 128 24.44 35.42 12.09
N ALA A 129 23.73 35.39 10.96
CA ALA A 129 23.59 36.56 10.10
C ALA A 129 22.43 37.50 10.53
N GLY A 130 21.74 37.18 11.62
CA GLY A 130 20.68 38.08 12.12
C GLY A 130 19.25 37.56 11.99
N VAL A 131 19.05 36.43 11.30
CA VAL A 131 17.72 35.95 10.99
C VAL A 131 17.26 34.88 11.97
N PRO A 132 16.08 35.07 12.60
CA PRO A 132 15.63 34.07 13.57
C PRO A 132 15.37 32.78 12.86
N VAL A 133 15.78 31.68 13.48
CA VAL A 133 15.65 30.37 12.89
C VAL A 133 15.04 29.50 13.92
N VAL A 134 14.08 28.67 13.52
CA VAL A 134 13.55 27.67 14.42
C VAL A 134 13.39 26.38 13.67
N LYS A 135 14.19 25.39 14.04
CA LYS A 135 14.26 24.14 13.36
C LYS A 135 13.41 23.12 14.08
N HIS A 136 13.18 22.01 13.40
CA HIS A 136 12.25 21.02 13.80
C HIS A 136 12.76 19.66 13.36
N GLY A 137 12.88 18.71 14.29
CA GLY A 137 13.48 17.40 13.94
C GLY A 137 13.48 16.33 15.02
N ASN A 138 14.03 15.17 14.67
CA ASN A 138 14.11 14.00 15.57
C ASN A 138 15.48 13.33 15.43
N ARG A 139 15.78 12.38 16.31
CA ARG A 139 17.00 11.57 16.17
C ARG A 139 16.90 10.61 15.01
N ALA A 140 18.04 10.40 14.35
CA ALA A 140 18.14 9.83 12.99
C ALA A 140 17.19 8.71 12.59
N ALA A 141 16.74 8.83 11.32
CA ALA A 141 15.98 7.82 10.59
C ALA A 141 16.90 7.02 9.65
N SER A 145 23.97 10.26 11.19
CA SER A 145 23.62 11.28 12.19
C SER A 145 22.56 12.25 11.69
N GLY A 146 21.36 12.16 12.26
CA GLY A 146 20.28 13.08 11.95
C GLY A 146 20.70 14.42 12.50
N GLY A 147 20.04 15.48 12.03
CA GLY A 147 20.25 16.83 12.52
C GLY A 147 20.25 16.89 14.04
N ALA A 148 19.23 16.32 14.66
CA ALA A 148 19.17 16.29 16.13
C ALA A 148 20.39 15.66 16.80
N ASP A 149 20.87 14.52 16.28
CA ASP A 149 22.03 13.82 16.85
C ASP A 149 23.30 14.66 16.76
N THR A 150 23.51 15.25 15.60
CA THR A 150 24.66 16.13 15.41
C THR A 150 24.64 17.29 16.43
N LEU A 151 23.45 17.85 16.65
CA LEU A 151 23.30 18.95 17.58
C LEU A 151 23.64 18.53 18.98
N GLU A 152 23.16 17.36 19.38
CA GLU A 152 23.58 16.75 20.63
C GLU A 152 25.06 16.49 20.71
N ALA A 153 25.64 16.01 19.61
CA ALA A 153 27.06 15.76 19.53
C ALA A 153 27.86 17.07 19.60
N LEU A 154 27.23 18.19 19.24
CA LEU A 154 27.86 19.52 19.44
C LEU A 154 27.66 20.12 20.84
N GLY A 155 26.89 19.47 21.72
CA GLY A 155 26.59 20.00 23.06
C GLY A 155 25.27 20.74 23.18
N VAL A 156 24.55 20.92 22.07
CA VAL A 156 23.26 21.59 22.13
C VAL A 156 22.21 20.68 22.77
N ARG A 157 21.38 21.25 23.63
CA ARG A 157 20.28 20.51 24.25
C ARG A 157 19.13 20.58 23.29
N ILE A 158 18.64 19.43 22.87
CA ILE A 158 17.66 19.37 21.80
C ILE A 158 16.23 19.17 22.29
N ASP A 159 16.08 18.59 23.49
CA ASP A 159 14.80 18.20 24.06
C ASP A 159 14.28 19.24 25.07
N LEU A 160 13.90 20.41 24.60
CA LEU A 160 13.37 21.44 25.50
C LEU A 160 11.89 21.72 25.26
N GLY A 161 11.21 22.09 26.35
CA GLY A 161 9.80 22.44 26.31
C GLY A 161 9.62 23.81 25.69
N PRO A 162 8.37 24.14 25.31
CA PRO A 162 8.01 25.34 24.56
C PRO A 162 8.57 26.66 25.12
N ASP A 163 8.59 26.79 26.44
CA ASP A 163 9.01 28.03 27.05
C ASP A 163 10.52 28.24 26.86
N LEU A 164 11.28 27.16 26.95
CA LEU A 164 12.72 27.27 26.83
C LEU A 164 13.09 27.35 25.36
N VAL A 165 12.37 26.63 24.49
CA VAL A 165 12.57 26.88 23.09
C VAL A 165 12.34 28.37 22.82
N ALA A 166 11.32 28.97 23.44
CA ALA A 166 11.02 30.40 23.18
C ALA A 166 12.10 31.35 23.73
N ARG A 167 12.61 31.02 24.89
CA ARG A 167 13.72 31.76 25.44
C ARG A 167 15.00 31.59 24.60
N SER A 168 15.14 30.43 23.97
CA SER A 168 16.29 30.17 23.13
C SER A 168 16.27 31.14 21.95
N LEU A 169 15.11 31.28 21.32
CA LEU A 169 14.93 32.24 20.24
C LEU A 169 15.27 33.66 20.63
N ALA A 170 14.73 34.10 21.75
CA ALA A 170 14.90 35.48 22.17
C ALA A 170 16.34 35.75 22.51
N GLU A 171 16.96 34.82 23.24
CA GLU A 171 18.31 35.04 23.78
C GLU A 171 19.45 34.58 22.85
N VAL A 172 19.23 33.54 22.06
CA VAL A 172 20.24 33.08 21.10
C VAL A 172 19.91 33.33 19.63
N GLY A 173 18.63 33.53 19.29
CA GLY A 173 18.25 33.70 17.88
C GLY A 173 18.08 32.40 17.11
N ILE A 174 18.01 31.30 17.85
CA ILE A 174 17.69 30.00 17.25
C ILE A 174 17.17 29.08 18.31
N GLY A 175 16.31 28.16 17.91
CA GLY A 175 15.87 27.11 18.81
C GLY A 175 15.48 25.91 18.01
N PHE A 176 15.35 24.80 18.71
CA PHE A 176 15.03 23.54 18.12
C PHE A 176 13.81 22.89 18.83
N CYS A 177 12.79 22.57 18.04
CA CYS A 177 11.63 21.83 18.53
C CYS A 177 11.83 20.33 18.25
N PHE A 178 12.02 19.58 19.31
CA PHE A 178 12.18 18.14 19.23
C PHE A 178 10.82 17.48 18.93
N ALA A 179 10.70 16.95 17.73
CA ALA A 179 9.42 16.46 17.22
C ALA A 179 8.60 15.57 18.15
N PRO A 180 9.23 14.58 18.81
CA PRO A 180 8.39 13.76 19.70
C PRO A 180 7.83 14.48 20.95
N ARG A 181 8.48 15.54 21.42
CA ARG A 181 7.91 16.24 22.56
C ARG A 181 6.72 17.08 22.11
N PHE A 182 6.77 17.59 20.88
CA PHE A 182 5.71 18.49 20.41
C PHE A 182 4.57 17.80 19.68
N HIS A 183 4.79 16.55 19.25
CA HIS A 183 3.80 15.77 18.50
C HIS A 183 3.62 14.42 19.15
N PRO A 184 3.29 14.40 20.44
CA PRO A 184 3.17 13.10 21.10
C PRO A 184 2.11 12.17 20.49
N SER A 185 1.05 12.74 19.91
CA SER A 185 -0.01 11.90 19.38
C SER A 185 0.36 11.20 18.06
N TYR A 186 1.52 11.56 17.52
CA TYR A 186 2.00 10.97 16.30
C TYR A 186 2.68 9.62 16.53
N ARG A 187 2.71 9.15 17.79
CA ARG A 187 3.49 7.97 18.17
C ARG A 187 3.05 6.65 17.50
N HIS A 188 1.75 6.48 17.28
CA HIS A 188 1.23 5.31 16.55
C HIS A 188 1.69 5.30 15.10
N ALA A 189 1.65 6.46 14.45
CA ALA A 189 2.14 6.53 13.10
C ALA A 189 3.65 6.31 13.07
N ALA A 190 4.34 6.84 14.07
CA ALA A 190 5.80 6.74 14.11
C ALA A 190 6.25 5.28 14.16
N ALA A 191 5.54 4.46 14.95
CA ALA A 191 5.85 3.06 15.14
C ALA A 191 5.68 2.27 13.83
N VAL A 192 4.53 2.47 13.19
CA VAL A 192 4.28 1.96 11.85
C VAL A 192 5.36 2.38 10.82
N ARG A 193 5.81 3.61 10.87
CA ARG A 193 6.85 4.04 9.95
C ARG A 193 8.16 3.28 10.13
N ARG A 194 8.49 2.97 11.38
CA ARG A 194 9.67 2.19 11.66
C ARG A 194 9.46 0.73 11.25
N GLU A 195 8.29 0.18 11.57
CA GLU A 195 8.00 -1.22 11.24
C GLU A 195 8.10 -1.49 9.75
N ILE A 196 7.73 -0.54 8.91
CA ILE A 196 7.74 -0.81 7.49
C ILE A 196 8.94 -0.30 6.76
N GLY A 197 9.58 0.75 7.29
CA GLY A 197 10.87 1.25 6.77
C GLY A 197 10.78 2.20 5.59
N VAL A 198 10.05 1.76 4.57
CA VAL A 198 9.85 2.48 3.31
C VAL A 198 9.41 3.95 3.49
N PRO A 199 9.93 4.86 2.64
CA PRO A 199 9.46 6.24 2.64
C PRO A 199 8.01 6.31 2.19
N THR A 200 7.23 7.18 2.84
CA THR A 200 5.86 7.40 2.41
C THR A 200 5.50 8.87 2.46
N VAL A 201 4.27 9.17 2.07
CA VAL A 201 3.70 10.51 2.26
C VAL A 201 3.96 11.10 3.66
N PHE A 202 4.01 10.27 4.69
CA PHE A 202 4.28 10.79 6.03
C PHE A 202 5.63 11.53 6.12
N ASN A 203 6.57 11.16 5.26
CA ASN A 203 7.90 11.75 5.25
C ASN A 203 7.90 13.24 4.86
N LEU A 204 6.82 13.71 4.25
CA LEU A 204 6.62 15.12 3.93
C LEU A 204 6.14 16.01 5.08
N LEU A 205 5.76 15.42 6.20
CA LEU A 205 5.05 16.18 7.23
C LEU A 205 5.95 16.95 8.18
N GLY A 206 7.18 16.47 8.35
CA GLY A 206 8.21 17.15 9.15
C GLY A 206 8.23 18.63 8.83
N PRO A 207 8.52 18.96 7.56
CA PRO A 207 8.64 20.36 7.19
C PRO A 207 7.36 21.15 7.32
N LEU A 208 6.21 20.47 7.31
CA LEU A 208 4.91 21.15 7.35
C LEU A 208 4.26 21.17 8.72
N THR A 209 4.94 20.60 9.70
CA THR A 209 4.37 20.53 11.04
C THR A 209 5.32 21.05 12.11
N ASN A 210 6.22 21.94 11.70
CA ASN A 210 7.03 22.72 12.62
C ASN A 210 6.10 23.49 13.53
N PRO A 211 6.08 23.15 14.82
CA PRO A 211 5.12 23.73 15.78
C PRO A 211 5.28 25.23 16.01
N ALA A 212 6.47 25.75 15.81
CA ALA A 212 6.65 27.21 15.80
C ALA A 212 5.99 27.89 14.60
N ARG A 213 5.56 27.15 13.59
CA ARG A 213 4.88 27.72 12.43
C ARG A 213 5.62 28.91 11.78
N PRO A 214 6.94 28.82 11.56
CA PRO A 214 7.53 29.95 10.84
C PRO A 214 6.89 30.07 9.45
N ARG A 215 6.81 31.28 8.94
CA ARG A 215 6.16 31.60 7.64
C ARG A 215 7.15 31.61 6.49
N ALA A 216 8.43 31.44 6.79
CA ALA A 216 9.50 31.42 5.79
C ALA A 216 10.34 30.19 5.94
N GLY A 217 10.97 29.79 4.86
CA GLY A 217 11.87 28.68 4.94
C GLY A 217 12.55 28.26 3.66
N LEU A 218 13.58 27.45 3.84
CA LEU A 218 14.20 26.76 2.76
C LEU A 218 13.98 25.26 3.00
N ILE A 219 13.29 24.59 2.10
CA ILE A 219 12.84 23.20 2.32
C ILE A 219 13.38 22.31 1.23
N GLY A 220 14.23 21.36 1.62
CA GLY A 220 14.92 20.47 0.70
C GLY A 220 14.11 19.22 0.42
N CYS A 221 14.04 18.80 -0.85
CA CYS A 221 13.24 17.64 -1.26
C CYS A 221 14.02 16.70 -2.17
N ALA A 222 14.14 15.43 -1.81
CA ALA A 222 14.80 14.44 -2.68
C ALA A 222 14.16 14.27 -4.06
N PHE A 223 12.82 14.37 -4.14
CA PHE A 223 12.07 14.04 -5.35
C PHE A 223 11.29 15.21 -5.95
N ALA A 224 11.52 15.45 -7.24
CA ALA A 224 10.91 16.58 -7.94
C ALA A 224 9.37 16.60 -7.97
N ASP A 225 8.74 15.46 -8.21
CA ASP A 225 7.26 15.39 -8.24
C ASP A 225 6.64 15.84 -6.92
N LEU A 226 7.18 15.31 -5.84
CA LEU A 226 6.67 15.61 -4.53
C LEU A 226 7.04 17.02 -4.06
N ALA A 227 8.07 17.61 -4.64
CA ALA A 227 8.45 18.98 -4.33
C ALA A 227 7.40 19.96 -4.76
N GLU A 228 6.85 19.76 -5.95
CA GLU A 228 5.76 20.61 -6.47
C GLU A 228 4.54 20.55 -5.55
N VAL A 229 4.27 19.36 -5.02
CA VAL A 229 3.15 19.19 -4.08
C VAL A 229 3.42 19.99 -2.81
N MET A 230 4.58 19.74 -2.21
CA MET A 230 5.08 20.53 -1.10
C MET A 230 4.98 22.05 -1.33
N ALA A 231 5.39 22.50 -2.50
CA ALA A 231 5.31 23.90 -2.80
C ALA A 231 3.84 24.36 -2.77
N GLY A 232 2.93 23.56 -3.33
CA GLY A 232 1.48 23.88 -3.26
C GLY A 232 0.93 24.06 -1.84
N VAL A 233 1.40 23.24 -0.91
CA VAL A 233 0.94 23.36 0.47
C VAL A 233 1.38 24.68 1.09
N PHE A 234 2.65 25.04 0.85
CA PHE A 234 3.19 26.31 1.37
C PHE A 234 2.52 27.50 0.73
N ALA A 235 2.16 27.40 -0.54
CA ALA A 235 1.58 28.53 -1.24
C ALA A 235 0.21 28.86 -0.62
N ALA A 236 -0.56 27.84 -0.29
CA ALA A 236 -1.84 28.01 0.37
C ALA A 236 -1.73 28.55 1.81
N ARG A 237 -0.54 28.53 2.39
CA ARG A 237 -0.27 29.16 3.68
C ARG A 237 0.24 30.58 3.58
N ARG A 238 0.49 31.06 2.39
CA ARG A 238 0.98 32.43 2.26
C ARG A 238 2.38 32.51 2.94
N SER A 239 3.16 31.45 2.80
CA SER A 239 4.51 31.44 3.27
C SER A 239 5.43 32.06 2.24
N SER A 240 6.63 32.40 2.64
CA SER A 240 7.70 32.71 1.70
C SER A 240 8.80 31.66 1.86
N VAL A 241 8.83 30.75 0.91
CA VAL A 241 9.57 29.52 1.04
C VAL A 241 10.24 29.25 -0.30
N LEU A 242 11.40 28.62 -0.26
CA LEU A 242 12.02 28.02 -1.41
C LEU A 242 12.06 26.51 -1.18
N VAL A 243 11.28 25.78 -1.96
CA VAL A 243 11.40 24.35 -1.99
C VAL A 243 12.51 24.06 -3.01
N VAL A 244 13.50 23.28 -2.58
CA VAL A 244 14.68 23.05 -3.41
C VAL A 244 14.94 21.57 -3.61
N HIS A 245 15.37 21.27 -4.82
CA HIS A 245 15.70 19.94 -5.21
C HIS A 245 16.91 20.02 -6.14
N GLY A 246 18.00 19.38 -5.75
CA GLY A 246 19.18 19.36 -6.61
C GLY A 246 18.90 18.46 -7.79
N ASP A 247 19.34 18.86 -8.97
CA ASP A 247 19.10 18.05 -10.17
C ASP A 247 20.01 16.78 -10.21
N ASP A 248 20.80 16.58 -9.16
CA ASP A 248 21.43 15.30 -8.81
C ASP A 248 20.70 14.48 -7.72
N GLY A 249 19.49 14.88 -7.33
CA GLY A 249 18.76 14.19 -6.26
C GLY A 249 19.05 14.62 -4.82
N LEU A 250 19.93 15.60 -4.63
CA LEU A 250 20.20 16.11 -3.29
C LEU A 250 18.97 16.80 -2.74
N ASP A 251 18.68 16.59 -1.45
CA ASP A 251 17.57 17.34 -0.80
C ASP A 251 18.05 18.68 -0.17
N GLU A 252 18.81 19.44 -0.95
CA GLU A 252 19.30 20.77 -0.60
C GLU A 252 19.67 21.37 -1.95
N LEU A 253 19.98 22.67 -1.99
CA LEU A 253 20.64 23.23 -3.19
C LEU A 253 22.01 22.57 -3.27
N THR A 254 22.36 22.11 -4.47
CA THR A 254 23.61 21.38 -4.69
C THR A 254 24.61 22.27 -5.38
N THR A 255 25.88 21.95 -5.21
CA THR A 255 26.99 22.54 -5.97
C THR A 255 27.54 21.68 -7.16
N THR A 256 26.99 20.47 -7.37
CA THR A 256 27.47 19.58 -8.43
C THR A 256 26.76 19.82 -9.77
N THR A 257 25.67 20.58 -9.75
CA THR A 257 24.92 20.80 -10.98
C THR A 257 23.87 21.84 -10.66
N THR A 258 22.89 22.02 -11.55
CA THR A 258 21.74 22.85 -11.25
C THR A 258 20.83 22.26 -10.15
N SER A 259 19.87 23.09 -9.75
CA SER A 259 18.80 22.70 -8.87
C SER A 259 17.52 23.31 -9.42
N THR A 260 16.42 22.68 -9.07
CA THR A 260 15.12 23.21 -9.36
C THR A 260 14.63 23.83 -8.07
N ILE A 261 14.17 25.07 -8.19
CA ILE A 261 13.55 25.77 -7.09
C ILE A 261 12.12 26.11 -7.44
N TRP A 262 11.24 25.79 -6.49
CA TRP A 262 9.90 26.26 -6.51
C TRP A 262 9.84 27.42 -5.56
N ARG A 263 9.85 28.61 -6.12
CA ARG A 263 9.79 29.81 -5.32
C ARG A 263 8.33 30.07 -4.90
N VAL A 264 8.05 30.17 -3.60
CA VAL A 264 6.68 30.28 -3.13
C VAL A 264 6.48 31.61 -2.41
N ALA A 265 5.55 32.43 -2.89
CA ALA A 265 5.20 33.69 -2.24
C ALA A 265 3.79 34.18 -2.53
N ALA A 266 3.18 34.82 -1.52
CA ALA A 266 1.86 35.46 -1.65
C ALA A 266 0.85 34.56 -2.39
N GLY A 267 0.76 33.31 -1.98
CA GLY A 267 -0.18 32.35 -2.55
C GLY A 267 0.18 31.74 -3.89
N SER A 268 1.34 32.04 -4.44
CA SER A 268 1.71 31.42 -5.72
C SER A 268 3.14 30.87 -5.80
N VAL A 269 3.42 30.23 -6.92
CA VAL A 269 4.60 29.41 -7.13
C VAL A 269 5.24 29.85 -8.43
N ASP A 270 6.54 30.09 -8.38
CA ASP A 270 7.35 30.48 -9.51
C ASP A 270 8.42 29.40 -9.58
N LYS A 271 8.20 28.40 -10.43
CA LYS A 271 9.16 27.31 -10.58
C LYS A 271 10.27 27.77 -11.50
N LEU A 272 11.50 27.39 -11.16
CA LEU A 272 12.64 27.80 -11.98
C LEU A 272 13.87 26.90 -11.83
N THR A 273 14.77 27.05 -12.80
CA THR A 273 16.07 26.38 -12.81
C THR A 273 17.18 27.36 -12.34
N PHE A 274 17.89 26.92 -11.31
CA PHE A 274 18.85 27.73 -10.59
C PHE A 274 20.25 27.20 -10.89
N ASP A 275 21.19 28.12 -11.20
CA ASP A 275 22.55 27.67 -11.45
C ASP A 275 23.59 28.48 -10.69
N PRO A 276 24.27 27.80 -9.74
CA PRO A 276 25.14 28.49 -8.79
C PRO A 276 26.48 28.90 -9.43
N ALA A 277 26.85 28.25 -10.53
CA ALA A 277 27.98 28.77 -11.33
C ALA A 277 27.77 30.26 -11.57
N GLY A 278 26.52 30.70 -11.73
CA GLY A 278 26.24 32.13 -11.94
C GLY A 278 26.76 33.04 -10.84
N PHE A 279 26.95 32.51 -9.64
CA PHE A 279 27.55 33.27 -8.54
C PHE A 279 28.99 32.86 -8.28
N GLY A 280 29.57 32.11 -9.22
CA GLY A 280 30.97 31.73 -9.17
C GLY A 280 31.29 30.49 -8.37
N PHE A 281 30.30 29.65 -8.09
CA PHE A 281 30.57 28.42 -7.35
C PHE A 281 31.12 27.34 -8.26
N ALA A 282 32.22 26.74 -7.85
CA ALA A 282 32.86 25.71 -8.63
C ALA A 282 31.99 24.46 -8.57
N ARG A 283 31.93 23.70 -9.67
CA ARG A 283 31.24 22.41 -9.70
C ARG A 283 31.94 21.39 -8.77
N ALA A 284 31.21 20.82 -7.83
CA ALA A 284 31.79 19.83 -6.92
C ALA A 284 31.31 18.41 -7.27
N GLN A 285 31.80 17.42 -6.53
CA GLN A 285 31.42 16.01 -6.69
C GLN A 285 30.51 15.62 -5.55
N LEU A 286 29.49 14.81 -5.82
CA LEU A 286 28.54 14.39 -4.76
C LEU A 286 29.26 13.76 -3.56
N ASP A 287 30.29 12.98 -3.81
CA ASP A 287 31.01 12.32 -2.71
C ASP A 287 31.72 13.30 -1.78
N GLN A 288 32.05 14.49 -2.25
CA GLN A 288 32.79 15.45 -1.45
C GLN A 288 31.95 16.00 -0.27
N LEU A 289 30.64 15.78 -0.32
CA LEU A 289 29.70 16.23 0.71
C LEU A 289 29.25 15.09 1.67
N ALA A 290 30.10 14.07 1.82
CA ALA A 290 29.73 12.83 2.54
C ALA A 290 29.99 12.91 4.06
N GLY A 291 29.05 12.38 4.84
CA GLY A 291 29.13 12.44 6.30
C GLY A 291 29.62 11.16 6.98
N GLY A 292 28.97 10.82 8.08
CA GLY A 292 29.37 9.70 8.92
C GLY A 292 28.56 9.72 10.20
N ASP A 293 29.17 9.25 11.29
CA ASP A 293 28.48 9.26 12.58
C ASP A 293 28.21 10.70 13.05
N ALA A 294 27.39 10.81 14.10
CA ALA A 294 27.11 12.09 14.73
C ALA A 294 28.42 12.84 14.91
N GLN A 295 29.44 12.12 15.37
CA GLN A 295 30.74 12.70 15.59
C GLN A 295 31.38 13.25 14.34
N ALA A 296 31.39 12.48 13.26
CA ALA A 296 32.01 12.94 12.02
C ALA A 296 31.35 14.24 11.60
N ASN A 297 30.04 14.27 11.68
CA ASN A 297 29.28 15.47 11.31
C ASN A 297 29.47 16.66 12.25
N ALA A 298 29.66 16.41 13.53
CA ALA A 298 30.01 17.47 14.46
C ALA A 298 31.34 18.09 14.05
N ALA A 299 32.30 17.26 13.71
CA ALA A 299 33.63 17.74 13.34
C ALA A 299 33.56 18.54 12.05
N ALA A 300 32.69 18.13 11.14
CA ALA A 300 32.55 18.87 9.90
C ALA A 300 31.98 20.29 10.20
N VAL A 301 31.06 20.36 11.17
CA VAL A 301 30.47 21.64 11.58
C VAL A 301 31.52 22.54 12.24
N ARG A 302 32.27 22.01 13.19
CA ARG A 302 33.32 22.78 13.84
C ARG A 302 34.37 23.30 12.83
N ALA A 303 34.65 22.50 11.81
CA ALA A 303 35.61 22.87 10.77
C ALA A 303 35.09 24.00 9.87
N VAL A 304 33.89 23.84 9.33
CA VAL A 304 33.34 24.86 8.43
C VAL A 304 33.15 26.18 9.17
N LEU A 305 32.60 26.12 10.38
CA LEU A 305 32.34 27.31 11.17
C LEU A 305 33.63 28.01 11.59
N GLY A 306 34.73 27.28 11.54
CA GLY A 306 36.01 27.85 11.96
C GLY A 306 36.84 28.32 10.80
N GLY A 307 36.28 28.28 9.60
CA GLY A 307 36.88 28.88 8.41
C GLY A 307 37.35 27.94 7.31
N ALA A 308 37.24 26.63 7.48
CA ALA A 308 37.80 25.74 6.46
C ALA A 308 37.06 25.90 5.12
N ARG A 309 37.81 26.24 4.08
CA ARG A 309 37.27 26.45 2.73
C ARG A 309 37.09 25.08 2.12
N GLY A 310 36.15 24.97 1.19
CA GLY A 310 35.92 23.70 0.52
C GLY A 310 34.52 23.54 0.01
N PRO A 311 34.23 22.36 -0.53
CA PRO A 311 32.89 22.10 -1.08
C PRO A 311 31.79 22.16 -0.03
N VAL A 312 32.07 21.63 1.16
CA VAL A 312 31.07 21.63 2.21
C VAL A 312 30.67 23.08 2.53
N ARG A 313 31.66 23.92 2.81
CA ARG A 313 31.39 25.32 3.05
C ARG A 313 30.56 25.92 1.91
N ASP A 314 30.96 25.61 0.68
CA ASP A 314 30.34 26.21 -0.47
C ASP A 314 28.86 25.88 -0.43
N ALA A 315 28.54 24.62 -0.13
CA ALA A 315 27.15 24.22 -0.12
C ALA A 315 26.40 24.85 1.08
N VAL A 316 27.07 24.94 2.22
CA VAL A 316 26.48 25.53 3.41
C VAL A 316 26.09 26.99 3.15
N VAL A 317 26.99 27.72 2.50
CA VAL A 317 26.77 29.14 2.17
C VAL A 317 25.63 29.29 1.16
N LEU A 318 25.61 28.39 0.19
CA LEU A 318 24.58 28.39 -0.83
C LEU A 318 23.19 28.22 -0.20
N ASN A 319 23.06 27.22 0.64
CA ASN A 319 21.80 26.96 1.31
C ASN A 319 21.45 28.04 2.38
N ALA A 320 22.45 28.54 3.08
CA ALA A 320 22.20 29.65 4.00
C ALA A 320 21.66 30.80 3.25
N ALA A 321 22.25 31.15 2.10
CA ALA A 321 21.76 32.30 1.29
C ALA A 321 20.35 32.04 0.85
N GLY A 322 20.07 30.80 0.46
CA GLY A 322 18.69 30.43 0.12
C GLY A 322 17.67 30.77 1.19
N ALA A 323 18.01 30.44 2.42
CA ALA A 323 17.10 30.67 3.52
C ALA A 323 16.98 32.16 3.72
N ILE A 324 18.07 32.87 3.52
CA ILE A 324 18.04 34.32 3.73
C ILE A 324 17.16 34.99 2.70
N VAL A 325 17.21 34.49 1.49
CA VAL A 325 16.33 34.98 0.44
C VAL A 325 14.86 34.70 0.74
N ALA A 326 14.56 33.50 1.19
CA ALA A 326 13.18 33.18 1.57
C ALA A 326 12.66 34.16 2.62
N HIS A 327 13.49 34.36 3.64
CA HIS A 327 13.19 35.31 4.73
C HIS A 327 12.87 36.71 4.19
N ALA A 328 13.70 37.19 3.28
CA ALA A 328 13.51 38.49 2.60
C ALA A 328 12.15 38.61 1.92
N GLY A 329 11.63 37.49 1.42
CA GLY A 329 10.28 37.41 0.86
C GLY A 329 9.18 37.88 1.80
N LEU A 330 9.39 37.78 3.11
CA LEU A 330 8.33 38.16 4.04
C LEU A 330 8.12 39.67 4.11
N SER A 331 9.22 40.42 4.20
CA SER A 331 9.19 41.87 4.46
C SER A 331 9.64 42.68 3.24
N SER A 332 10.85 42.42 2.75
CA SER A 332 11.47 43.23 1.68
C SER A 332 10.71 43.14 0.35
N ARG A 333 10.91 44.18 -0.47
CA ARG A 333 10.42 44.19 -1.84
C ARG A 333 11.52 43.69 -2.77
N ALA A 334 12.73 43.52 -2.23
CA ALA A 334 13.91 43.19 -3.03
C ALA A 334 13.71 42.01 -3.99
N GLU A 335 14.38 42.12 -5.13
CA GLU A 335 14.22 41.19 -6.20
C GLU A 335 15.16 40.02 -6.09
N TRP A 336 14.86 38.99 -6.86
CA TRP A 336 15.58 37.73 -6.83
C TRP A 336 17.09 37.87 -6.83
N LEU A 337 17.69 38.46 -7.87
CA LEU A 337 19.16 38.44 -7.96
C LEU A 337 19.84 39.29 -6.91
N PRO A 338 19.39 40.54 -6.74
CA PRO A 338 19.99 41.33 -5.65
C PRO A 338 19.85 40.63 -4.28
N ALA A 339 18.71 39.97 -4.04
CA ALA A 339 18.48 39.23 -2.79
C ALA A 339 19.47 38.07 -2.63
N TRP A 340 19.75 37.35 -3.72
CA TRP A 340 20.72 36.24 -3.69
C TRP A 340 22.11 36.76 -3.38
N GLU A 341 22.43 37.92 -3.92
CA GLU A 341 23.72 38.53 -3.68
C GLU A 341 23.91 38.98 -2.22
N GLU A 342 22.92 39.65 -1.65
CA GLU A 342 22.94 39.99 -0.23
C GLU A 342 23.02 38.69 0.56
N GLY A 343 22.22 37.72 0.17
CA GLY A 343 22.23 36.42 0.82
C GLY A 343 23.58 35.79 0.99
N LEU A 344 24.29 35.72 -0.12
CA LEU A 344 25.63 35.12 -0.16
C LEU A 344 26.64 35.88 0.66
N ARG A 345 26.60 37.21 0.60
CA ARG A 345 27.55 38.05 1.35
CA ARG A 345 27.51 38.08 1.35
C ARG A 345 27.31 37.90 2.86
N ARG A 346 26.05 37.84 3.27
CA ARG A 346 25.71 37.72 4.66
C ARG A 346 26.07 36.38 5.20
N ALA A 347 25.86 35.33 4.42
CA ALA A 347 26.16 33.98 4.86
C ALA A 347 27.67 33.81 4.97
N SER A 348 28.41 34.17 3.92
CA SER A 348 29.90 34.24 3.96
C SER A 348 30.43 34.99 5.19
N ALA A 349 29.91 36.19 5.44
CA ALA A 349 30.43 37.04 6.47
C ALA A 349 30.13 36.52 7.89
N ALA A 350 29.00 35.81 8.04
CA ALA A 350 28.67 35.21 9.28
C ALA A 350 29.64 34.10 9.68
N ILE A 351 30.17 33.40 8.68
CA ILE A 351 31.25 32.42 8.92
C ILE A 351 32.57 33.13 9.13
N ASP A 352 33.04 33.88 8.16
CA ASP A 352 34.35 34.56 8.24
C ASP A 352 34.60 35.48 9.47
N THR A 353 33.56 36.14 9.95
CA THR A 353 33.64 37.02 11.11
C THR A 353 33.55 36.26 12.41
N GLY A 354 33.30 34.96 12.34
CA GLY A 354 33.23 34.12 13.52
C GLY A 354 31.88 34.14 14.22
N ALA A 355 30.97 34.93 13.70
CA ALA A 355 29.66 35.07 14.30
C ALA A 355 28.96 33.71 14.39
N ALA A 356 29.10 32.88 13.35
CA ALA A 356 28.45 31.54 13.39
C ALA A 356 29.05 30.70 14.51
N GLU A 357 30.37 30.61 14.50
CA GLU A 357 31.08 29.86 15.55
C GLU A 357 30.69 30.38 16.92
N GLN A 358 30.64 31.70 17.05
CA GLN A 358 30.23 32.33 18.31
C GLN A 358 28.76 32.02 18.67
N LEU A 359 27.88 32.02 17.67
CA LEU A 359 26.48 31.70 17.94
C LEU A 359 26.31 30.28 18.43
N LEU A 360 27.02 29.34 17.83
CA LEU A 360 26.97 27.98 18.30
C LEU A 360 27.43 27.86 19.73
N ALA A 361 28.53 28.52 20.07
CA ALA A 361 29.00 28.45 21.44
C ALA A 361 27.93 29.04 22.39
N ARG A 362 27.34 30.14 22.00
CA ARG A 362 26.28 30.78 22.81
C ARG A 362 25.08 29.86 23.03
N TRP A 363 24.76 29.06 22.03
CA TRP A 363 23.62 28.17 22.09
C TRP A 363 23.92 27.04 23.07
N VAL A 364 25.12 26.48 22.97
CA VAL A 364 25.62 25.52 23.93
C VAL A 364 25.54 26.12 25.35
N ARG A 365 26.12 27.32 25.55
CA ARG A 365 26.07 27.95 26.89
C ARG A 365 24.64 27.93 27.43
N PHE A 366 23.70 28.33 26.57
CA PHE A 366 22.32 28.49 26.96
C PHE A 366 21.71 27.20 27.50
N GLY A 367 21.94 26.07 26.82
CA GLY A 367 21.57 24.75 27.33
C GLY A 367 22.13 24.44 28.72
N ARG A 368 23.40 24.73 28.96
CA ARG A 368 24.03 24.41 30.26
C ARG A 368 23.55 25.32 31.38
N GLN A 369 23.35 26.61 31.09
CA GLN A 369 22.66 27.51 32.03
C GLN A 369 21.16 27.17 31.99
N ILE A 370 20.79 26.02 32.57
CA ILE A 370 19.51 25.34 32.31
C ILE A 370 18.50 26.15 31.48
N PRO B 25 17.42 -9.83 2.32
CA PRO B 25 15.99 -9.49 2.01
C PRO B 25 15.24 -8.92 3.22
N SER B 26 14.49 -7.84 3.00
CA SER B 26 13.84 -7.13 4.10
C SER B 26 12.60 -6.41 3.63
N TRP B 27 11.80 -5.97 4.59
CA TRP B 27 10.61 -5.19 4.30
C TRP B 27 10.95 -3.87 3.64
N PRO B 28 11.93 -3.12 4.18
CA PRO B 28 12.29 -1.90 3.46
C PRO B 28 12.68 -2.15 2.00
N GLN B 29 13.42 -3.22 1.75
CA GLN B 29 13.89 -3.50 0.41
C GLN B 29 12.68 -3.85 -0.47
N ILE B 30 11.86 -4.76 0.02
CA ILE B 30 10.73 -5.28 -0.77
C ILE B 30 9.66 -4.21 -0.98
N LEU B 31 9.32 -3.45 0.05
CA LEU B 31 8.26 -2.44 -0.07
C LEU B 31 8.69 -1.30 -0.92
N GLY B 32 9.98 -0.96 -0.82
CA GLY B 32 10.53 0.18 -1.55
C GLY B 32 10.54 -0.10 -3.04
N ARG B 33 10.80 -1.34 -3.35
CA ARG B 33 10.74 -1.78 -4.72
C ARG B 33 9.31 -1.74 -5.29
N LEU B 34 8.31 -2.17 -4.50
CA LEU B 34 6.90 -2.10 -4.92
C LEU B 34 6.38 -0.67 -5.03
N THR B 35 6.72 0.17 -4.06
CA THR B 35 6.21 1.56 -4.13
C THR B 35 6.82 2.28 -5.30
N ASP B 36 7.95 1.78 -5.79
CA ASP B 36 8.59 2.35 -6.96
C ASP B 36 8.02 1.76 -8.24
N ASN B 37 6.94 1.00 -8.13
CA ASN B 37 6.30 0.36 -9.27
C ASN B 37 7.19 -0.62 -10.04
N ARG B 38 8.04 -1.34 -9.31
CA ARG B 38 8.85 -2.39 -9.90
C ARG B 38 8.40 -3.79 -9.48
N ASP B 39 8.46 -4.71 -10.44
CA ASP B 39 8.32 -6.13 -10.18
C ASP B 39 9.42 -6.57 -9.25
N LEU B 40 9.12 -7.51 -8.37
CA LEU B 40 10.10 -7.98 -7.40
C LEU B 40 11.16 -8.91 -8.03
N ALA B 41 12.34 -8.96 -7.41
CA ALA B 41 13.28 -10.03 -7.70
C ALA B 41 12.72 -11.38 -7.22
N ARG B 42 13.08 -12.44 -7.94
CA ARG B 42 12.73 -13.81 -7.58
C ARG B 42 13.07 -14.07 -6.10
N GLY B 43 12.17 -14.80 -5.42
CA GLY B 43 12.35 -15.12 -4.00
C GLY B 43 11.77 -14.10 -3.03
N GLN B 44 11.55 -12.87 -3.48
CA GLN B 44 11.15 -11.79 -2.58
C GLN B 44 9.74 -11.97 -2.04
N ALA B 45 8.80 -12.24 -2.92
CA ALA B 45 7.41 -12.48 -2.52
C ALA B 45 7.28 -13.74 -1.68
N ALA B 46 8.07 -14.75 -2.02
CA ALA B 46 8.15 -15.95 -1.19
C ALA B 46 8.69 -15.72 0.21
N TRP B 47 9.76 -14.92 0.34
CA TRP B 47 10.27 -14.54 1.67
C TRP B 47 9.16 -13.83 2.45
N ALA B 48 8.55 -12.84 1.82
CA ALA B 48 7.45 -12.12 2.45
C ALA B 48 6.35 -13.07 2.97
N MET B 49 5.91 -13.96 2.10
CA MET B 49 4.81 -14.81 2.43
C MET B 49 5.24 -15.74 3.54
N ASP B 50 6.50 -16.14 3.51
CA ASP B 50 7.00 -16.97 4.56
C ASP B 50 6.98 -16.28 5.94
N GLN B 51 7.41 -15.00 5.98
CA GLN B 51 7.32 -14.22 7.21
C GLN B 51 5.89 -14.15 7.71
N ILE B 52 4.98 -13.98 6.77
CA ILE B 52 3.58 -13.83 7.07
C ILE B 52 3.00 -15.12 7.60
N MET B 53 3.39 -16.23 7.01
CA MET B 53 2.86 -17.51 7.44
C MET B 53 3.46 -17.97 8.76
N THR B 54 4.67 -17.54 9.12
CA THR B 54 5.33 -17.98 10.40
C THR B 54 5.06 -17.11 11.63
N GLY B 55 4.20 -16.09 11.51
CA GLY B 55 3.93 -15.18 12.62
C GLY B 55 4.92 -14.04 12.75
N ASN B 56 5.93 -13.97 11.90
CA ASN B 56 6.99 -12.99 12.08
C ASN B 56 6.77 -11.65 11.43
N ALA B 57 5.67 -11.49 10.71
CA ALA B 57 5.39 -10.22 10.06
C ALA B 57 4.45 -9.46 10.95
N ARG B 58 4.81 -8.23 11.28
CA ARG B 58 3.91 -7.35 12.04
C ARG B 58 2.67 -6.99 11.19
N PRO B 59 1.53 -6.77 11.83
CA PRO B 59 0.34 -6.44 11.04
C PRO B 59 0.57 -5.29 10.02
N ALA B 60 1.32 -4.26 10.41
CA ALA B 60 1.58 -3.14 9.55
C ALA B 60 2.32 -3.58 8.30
N GLN B 61 3.21 -4.53 8.48
CA GLN B 61 4.03 -5.05 7.40
C GLN B 61 3.21 -5.87 6.42
N ILE B 62 2.32 -6.69 6.95
CA ILE B 62 1.44 -7.47 6.12
C ILE B 62 0.56 -6.54 5.25
N ALA B 63 -0.01 -5.52 5.90
CA ALA B 63 -0.89 -4.57 5.22
C ALA B 63 -0.11 -3.82 4.14
N ALA B 64 1.04 -3.28 4.51
CA ALA B 64 1.84 -2.56 3.55
C ALA B 64 2.15 -3.41 2.32
N PHE B 65 2.55 -4.66 2.55
CA PHE B 65 2.87 -5.55 1.48
C PHE B 65 1.64 -5.82 0.61
N ALA B 66 0.49 -6.08 1.24
CA ALA B 66 -0.67 -6.46 0.46
C ALA B 66 -1.09 -5.32 -0.45
N VAL B 67 -1.12 -4.13 0.14
CA VAL B 67 -1.58 -2.98 -0.57
C VAL B 67 -0.61 -2.62 -1.69
N ALA B 68 0.68 -2.60 -1.39
CA ALA B 68 1.66 -2.24 -2.41
C ALA B 68 1.72 -3.26 -3.58
N MET B 69 1.61 -4.54 -3.29
CA MET B 69 1.53 -5.53 -4.35
C MET B 69 0.28 -5.31 -5.19
N THR B 70 -0.79 -4.86 -4.58
CA THR B 70 -2.01 -4.69 -5.36
C THR B 70 -1.84 -3.53 -6.32
N MET B 71 -1.38 -2.40 -5.79
CA MET B 71 -1.28 -1.17 -6.57
C MET B 71 -0.14 -1.26 -7.60
N LYS B 72 0.98 -1.86 -7.27
CA LYS B 72 1.94 -2.21 -8.33
C LYS B 72 1.31 -3.15 -9.40
N ALA B 73 0.47 -4.08 -9.02
CA ALA B 73 -0.09 -5.06 -9.97
C ALA B 73 0.82 -6.24 -10.02
N PRO B 74 0.37 -7.37 -9.48
CA PRO B 74 1.20 -8.56 -9.38
C PRO B 74 1.36 -9.37 -10.67
N THR B 75 2.51 -10.00 -10.79
CA THR B 75 2.78 -10.91 -11.87
C THR B 75 2.43 -12.31 -11.42
N ALA B 76 2.29 -13.18 -12.42
CA ALA B 76 1.99 -14.57 -12.17
C ALA B 76 3.09 -15.22 -11.35
N ASP B 77 4.33 -14.86 -11.59
CA ASP B 77 5.44 -15.45 -10.81
C ASP B 77 5.40 -15.05 -9.34
N GLU B 78 5.05 -13.80 -9.09
CA GLU B 78 4.91 -13.31 -7.73
C GLU B 78 3.80 -14.05 -7.02
N VAL B 79 2.66 -14.19 -7.67
CA VAL B 79 1.54 -14.85 -7.04
C VAL B 79 1.82 -16.35 -6.88
N GLY B 80 2.55 -16.95 -7.81
CA GLY B 80 2.93 -18.35 -7.65
C GLY B 80 3.85 -18.54 -6.44
N GLU B 81 4.65 -17.53 -6.11
CA GLU B 81 5.49 -17.60 -4.91
C GLU B 81 4.62 -17.54 -3.67
N LEU B 82 3.68 -16.61 -3.64
CA LEU B 82 2.78 -16.51 -2.49
C LEU B 82 2.05 -17.80 -2.27
N ALA B 83 1.44 -18.31 -3.33
CA ALA B 83 0.62 -19.49 -3.24
C ALA B 83 1.41 -20.72 -2.83
N GLY B 84 2.62 -20.86 -3.36
CA GLY B 84 3.41 -22.06 -3.14
C GLY B 84 3.91 -22.08 -1.72
N VAL B 85 4.30 -20.93 -1.20
CA VAL B 85 4.68 -20.84 0.19
C VAL B 85 3.47 -21.10 1.13
N MET B 86 2.29 -20.60 0.77
CA MET B 86 1.09 -20.83 1.61
C MET B 86 0.77 -22.32 1.67
N LEU B 87 0.78 -22.97 0.49
CA LEU B 87 0.58 -24.43 0.40
C LEU B 87 1.58 -25.22 1.20
N SER B 88 2.82 -24.79 1.22
CA SER B 88 3.82 -25.53 1.96
C SER B 88 3.50 -25.51 3.45
N HIS B 89 2.76 -24.50 3.91
CA HIS B 89 2.35 -24.41 5.31
C HIS B 89 1.02 -25.10 5.59
N ALA B 90 0.34 -25.62 4.58
CA ALA B 90 -0.98 -26.20 4.83
C ALA B 90 -0.90 -27.63 5.39
N HIS B 91 -1.99 -28.07 6.01
CA HIS B 91 -2.18 -29.47 6.35
C HIS B 91 -2.35 -30.28 5.05
N PRO B 92 -1.69 -31.46 4.97
CA PRO B 92 -1.83 -32.33 3.77
C PRO B 92 -3.16 -33.06 3.72
N LEU B 93 -3.67 -33.35 2.53
CA LEU B 93 -4.65 -34.43 2.38
C LEU B 93 -3.81 -35.73 2.28
N PRO B 94 -4.26 -36.83 2.92
CA PRO B 94 -3.54 -38.13 2.85
C PRO B 94 -3.24 -38.61 1.41
N ALA B 95 -2.21 -39.45 1.26
CA ALA B 95 -1.75 -39.86 -0.08
C ALA B 95 -2.79 -40.71 -0.85
N ASP B 96 -2.89 -40.48 -2.17
CA ASP B 96 -3.74 -41.26 -3.10
C ASP B 96 -5.23 -41.21 -2.80
N THR B 97 -5.69 -40.09 -2.28
CA THR B 97 -7.09 -39.95 -1.87
C THR B 97 -7.86 -38.99 -2.77
N VAL B 98 -7.14 -38.19 -3.54
CA VAL B 98 -7.75 -37.27 -4.48
C VAL B 98 -7.56 -37.84 -5.87
N PRO B 99 -8.66 -38.06 -6.61
CA PRO B 99 -8.50 -38.56 -7.98
C PRO B 99 -7.62 -37.65 -8.83
N ASP B 100 -6.82 -38.28 -9.66
CA ASP B 100 -6.03 -37.62 -10.69
C ASP B 100 -6.80 -36.48 -11.42
N ASP B 101 -8.14 -36.58 -11.50
CA ASP B 101 -8.91 -35.70 -12.34
C ASP B 101 -10.01 -34.94 -11.60
N ALA B 102 -9.75 -34.54 -10.37
CA ALA B 102 -10.74 -33.72 -9.63
C ALA B 102 -10.75 -32.28 -10.14
N VAL B 103 -11.88 -31.61 -10.04
CA VAL B 103 -12.01 -30.21 -10.41
C VAL B 103 -12.50 -29.35 -9.26
N ASP B 104 -12.14 -28.08 -9.29
CA ASP B 104 -12.61 -27.08 -8.38
C ASP B 104 -13.62 -26.21 -9.15
N VAL B 105 -14.59 -25.65 -8.43
CA VAL B 105 -15.53 -24.69 -8.98
C VAL B 105 -15.60 -23.58 -7.94
N VAL B 106 -15.09 -22.42 -8.29
CA VAL B 106 -14.84 -21.41 -7.29
C VAL B 106 -14.69 -20.02 -7.90
N GLY B 107 -15.17 -19.00 -7.19
CA GLY B 107 -14.91 -17.60 -7.53
C GLY B 107 -14.16 -16.84 -6.43
N THR B 108 -13.35 -15.84 -6.82
CA THR B 108 -12.71 -14.92 -5.87
C THR B 108 -13.75 -14.21 -5.00
N GLY B 109 -15.03 -14.28 -5.37
CA GLY B 109 -16.07 -13.57 -4.66
C GLY B 109 -15.83 -12.08 -4.82
N GLY B 110 -16.40 -11.28 -3.91
CA GLY B 110 -16.20 -9.82 -3.89
C GLY B 110 -16.70 -9.04 -5.10
N ASP B 111 -17.58 -9.64 -5.91
CA ASP B 111 -18.19 -8.95 -7.05
C ASP B 111 -19.10 -7.79 -6.57
N GLY B 112 -19.46 -7.81 -5.29
CA GLY B 112 -20.26 -6.76 -4.68
C GLY B 112 -21.74 -6.91 -4.98
N VAL B 113 -22.12 -8.01 -5.63
CA VAL B 113 -23.45 -8.13 -6.24
C VAL B 113 -24.50 -8.83 -5.36
N ASN B 114 -24.06 -9.73 -4.47
CA ASN B 114 -24.97 -10.47 -3.57
C ASN B 114 -25.99 -11.32 -4.36
N THR B 115 -25.47 -12.31 -5.08
CA THR B 115 -26.27 -13.24 -5.88
C THR B 115 -26.44 -14.57 -5.14
N VAL B 116 -27.15 -15.50 -5.77
CA VAL B 116 -27.27 -16.86 -5.24
C VAL B 116 -25.94 -17.61 -5.45
N ASN B 117 -25.65 -18.59 -4.59
CA ASN B 117 -24.39 -19.32 -4.62
C ASN B 117 -24.37 -20.21 -5.88
N LEU B 118 -24.06 -19.60 -7.00
CA LEU B 118 -24.03 -20.27 -8.26
C LEU B 118 -22.95 -21.33 -8.30
N SER B 119 -21.80 -21.09 -7.67
CA SER B 119 -20.72 -22.06 -7.66
C SER B 119 -21.05 -23.30 -6.86
N THR B 120 -21.78 -23.13 -5.77
CA THR B 120 -22.09 -24.23 -4.89
C THR B 120 -23.04 -25.17 -5.63
N MET B 121 -24.04 -24.57 -6.27
CA MET B 121 -24.97 -25.34 -7.12
C MET B 121 -24.30 -26.08 -8.29
N ALA B 122 -23.45 -25.38 -9.03
CA ALA B 122 -22.75 -25.98 -10.15
C ALA B 122 -21.89 -27.12 -9.67
N ALA B 123 -21.27 -26.93 -8.51
CA ALA B 123 -20.37 -27.94 -7.98
C ALA B 123 -21.14 -29.21 -7.68
N ILE B 124 -22.34 -29.06 -7.13
CA ILE B 124 -23.17 -30.22 -6.86
C ILE B 124 -23.58 -30.89 -8.19
N VAL B 125 -23.85 -30.09 -9.21
CA VAL B 125 -24.32 -30.64 -10.46
C VAL B 125 -23.21 -31.41 -11.17
N VAL B 126 -22.02 -30.81 -11.16
CA VAL B 126 -20.84 -31.38 -11.74
C VAL B 126 -20.53 -32.73 -11.08
N ALA B 127 -20.58 -32.79 -9.74
CA ALA B 127 -20.21 -34.02 -9.05
C ALA B 127 -21.26 -35.03 -9.43
N ALA B 128 -22.49 -34.56 -9.60
CA ALA B 128 -23.57 -35.48 -9.97
C ALA B 128 -23.43 -36.04 -11.38
N ALA B 129 -22.70 -35.34 -12.26
CA ALA B 129 -22.41 -35.85 -13.60
C ALA B 129 -21.21 -36.79 -13.63
N GLY B 130 -20.66 -37.15 -12.47
CA GLY B 130 -19.54 -38.08 -12.40
C GLY B 130 -18.15 -37.47 -12.37
N VAL B 131 -18.06 -36.14 -12.34
CA VAL B 131 -16.78 -35.46 -12.20
C VAL B 131 -16.47 -35.19 -10.72
N PRO B 132 -15.37 -35.73 -10.17
CA PRO B 132 -15.15 -35.51 -8.73
C PRO B 132 -14.84 -34.06 -8.47
N VAL B 133 -15.40 -33.52 -7.39
CA VAL B 133 -15.29 -32.12 -7.12
C VAL B 133 -14.72 -31.93 -5.75
N VAL B 134 -13.78 -31.00 -5.64
CA VAL B 134 -13.23 -30.69 -4.34
C VAL B 134 -13.14 -29.17 -4.26
N LYS B 135 -14.03 -28.64 -3.41
CA LYS B 135 -14.14 -27.22 -3.12
C LYS B 135 -13.38 -26.87 -1.86
N HIS B 136 -13.23 -25.58 -1.65
CA HIS B 136 -12.32 -25.02 -0.66
C HIS B 136 -12.84 -23.62 -0.38
N GLY B 137 -13.17 -23.30 0.86
CA GLY B 137 -13.59 -21.96 1.17
C GLY B 137 -13.78 -21.68 2.64
N ASN B 138 -14.35 -20.53 2.92
CA ASN B 138 -14.67 -20.11 4.25
C ASN B 138 -16.12 -19.65 4.26
N ARG B 139 -16.61 -19.34 5.45
CA ARG B 139 -17.75 -18.44 5.62
C ARG B 139 -17.43 -17.02 5.15
N ALA B 140 -18.49 -16.20 4.95
CA ALA B 140 -18.30 -14.80 4.48
C ALA B 140 -17.93 -13.85 5.63
N LEU B 144 -23.60 -11.47 1.74
CA LEU B 144 -24.53 -12.01 2.73
C LEU B 144 -24.11 -13.43 3.14
N SER B 145 -24.38 -14.41 2.28
CA SER B 145 -24.26 -15.84 2.62
C SER B 145 -23.26 -16.59 1.73
N GLY B 146 -22.14 -17.00 2.31
CA GLY B 146 -21.10 -17.72 1.59
C GLY B 146 -21.43 -19.16 1.22
N GLY B 147 -20.56 -19.72 0.38
CA GLY B 147 -20.67 -21.12 -0.06
C GLY B 147 -20.75 -22.03 1.14
N ALA B 148 -19.76 -21.90 2.05
CA ALA B 148 -19.75 -22.67 3.28
C ALA B 148 -21.01 -22.48 4.09
N ASP B 149 -21.44 -21.24 4.28
CA ASP B 149 -22.65 -20.98 5.08
C ASP B 149 -23.87 -21.66 4.50
N THR B 150 -24.03 -21.59 3.18
CA THR B 150 -25.17 -22.20 2.53
C THR B 150 -25.09 -23.70 2.63
N LEU B 151 -23.90 -24.25 2.42
CA LEU B 151 -23.70 -25.68 2.63
C LEU B 151 -24.19 -26.08 4.04
N GLU B 152 -23.82 -25.32 5.05
CA GLU B 152 -24.27 -25.66 6.40
C GLU B 152 -25.76 -25.53 6.51
N ALA B 153 -26.34 -24.51 5.90
CA ALA B 153 -27.78 -24.36 5.95
C ALA B 153 -28.49 -25.60 5.36
N LEU B 154 -27.89 -26.24 4.36
CA LEU B 154 -28.41 -27.47 3.80
C LEU B 154 -28.18 -28.73 4.64
N GLY B 155 -27.43 -28.65 5.74
CA GLY B 155 -27.18 -29.86 6.56
C GLY B 155 -25.82 -30.50 6.32
N VAL B 156 -25.05 -29.94 5.36
CA VAL B 156 -23.73 -30.48 5.07
C VAL B 156 -22.73 -30.05 6.15
N ARG B 157 -21.93 -31.00 6.61
CA ARG B 157 -20.80 -30.70 7.50
C ARG B 157 -19.58 -30.26 6.75
N ILE B 158 -19.22 -28.99 6.93
CA ILE B 158 -18.13 -28.34 6.19
C ILE B 158 -16.78 -28.38 6.90
N ASP B 159 -16.86 -28.52 8.23
CA ASP B 159 -15.73 -28.46 9.18
C ASP B 159 -15.08 -29.85 9.41
N LEU B 160 -14.46 -30.45 8.41
CA LEU B 160 -13.95 -31.81 8.57
C LEU B 160 -12.44 -31.97 8.31
N GLY B 161 -11.85 -32.96 8.98
CA GLY B 161 -10.46 -33.33 8.77
C GLY B 161 -10.22 -34.08 7.47
N PRO B 162 -8.95 -34.12 7.04
CA PRO B 162 -8.59 -34.65 5.73
C PRO B 162 -8.96 -36.12 5.50
N ASP B 163 -8.97 -36.93 6.57
CA ASP B 163 -9.42 -38.30 6.42
C ASP B 163 -10.86 -38.28 5.93
N LEU B 164 -11.69 -37.46 6.56
CA LEU B 164 -13.12 -37.43 6.26
C LEU B 164 -13.44 -36.73 4.89
N VAL B 165 -12.72 -35.68 4.57
CA VAL B 165 -12.86 -35.09 3.25
C VAL B 165 -12.48 -36.11 2.17
N ALA B 166 -11.38 -36.83 2.38
CA ALA B 166 -11.01 -37.90 1.46
C ALA B 166 -12.12 -38.91 1.36
N ARG B 167 -12.69 -39.30 2.50
CA ARG B 167 -13.75 -40.33 2.49
C ARG B 167 -14.99 -39.83 1.74
N SER B 168 -15.38 -38.59 2.01
CA SER B 168 -16.51 -37.95 1.33
C SER B 168 -16.34 -37.97 -0.20
N LEU B 169 -15.18 -37.54 -0.64
CA LEU B 169 -14.83 -37.58 -2.04
C LEU B 169 -15.08 -38.96 -2.66
N ALA B 170 -14.59 -40.00 -2.00
CA ALA B 170 -14.72 -41.38 -2.49
C ALA B 170 -16.16 -41.89 -2.43
N GLU B 171 -16.88 -41.58 -1.35
CA GLU B 171 -18.22 -42.14 -1.17
C GLU B 171 -19.36 -41.27 -1.71
N VAL B 172 -19.13 -39.98 -1.84
CA VAL B 172 -20.16 -39.10 -2.36
C VAL B 172 -19.83 -38.57 -3.75
N GLY B 173 -18.55 -38.32 -4.04
CA GLY B 173 -18.12 -37.68 -5.28
C GLY B 173 -17.85 -36.19 -5.18
N ILE B 174 -17.85 -35.67 -3.96
CA ILE B 174 -17.55 -34.29 -3.68
C ILE B 174 -17.05 -34.16 -2.23
N GLY B 175 -16.12 -33.22 -2.02
CA GLY B 175 -15.73 -32.83 -0.68
C GLY B 175 -15.53 -31.34 -0.55
N PHE B 176 -15.49 -30.89 0.70
CA PHE B 176 -15.25 -29.51 1.03
C PHE B 176 -14.07 -29.34 2.01
N CYS B 177 -13.04 -28.64 1.57
CA CYS B 177 -11.92 -28.28 2.42
C CYS B 177 -12.19 -26.91 3.06
N PHE B 178 -12.47 -26.92 4.36
CA PHE B 178 -12.68 -25.69 5.15
C PHE B 178 -11.39 -24.93 5.35
N ALA B 179 -11.30 -23.77 4.73
CA ALA B 179 -10.01 -23.07 4.64
C ALA B 179 -9.31 -22.82 5.98
N PRO B 180 -10.02 -22.30 6.99
CA PRO B 180 -9.32 -22.07 8.28
C PRO B 180 -8.75 -23.35 8.95
N ARG B 181 -9.32 -24.51 8.64
CA ARG B 181 -8.78 -25.74 9.14
C ARG B 181 -7.56 -26.23 8.36
N PHE B 182 -7.49 -25.94 7.07
CA PHE B 182 -6.37 -26.41 6.29
C PHE B 182 -5.24 -25.41 6.24
N HIS B 183 -5.54 -24.11 6.41
CA HIS B 183 -4.51 -23.07 6.46
C HIS B 183 -4.50 -22.29 7.79
N PRO B 184 -4.30 -22.98 8.90
CA PRO B 184 -4.34 -22.24 10.17
C PRO B 184 -3.32 -21.13 10.26
N SER B 185 -2.14 -21.28 9.67
CA SER B 185 -1.09 -20.29 9.77
C SER B 185 -1.37 -18.99 9.00
N TYR B 186 -2.37 -19.02 8.12
CA TYR B 186 -2.85 -17.84 7.44
C TYR B 186 -3.59 -16.84 8.34
N ARG B 187 -3.78 -17.20 9.61
CA ARG B 187 -4.57 -16.40 10.53
C ARG B 187 -4.07 -14.98 10.72
N HIS B 188 -2.77 -14.76 10.66
CA HIS B 188 -2.25 -13.40 10.81
C HIS B 188 -2.66 -12.58 9.59
N ALA B 189 -2.57 -13.18 8.41
CA ALA B 189 -2.93 -12.46 7.21
C ALA B 189 -4.42 -12.15 7.22
N ALA B 190 -5.23 -13.12 7.64
CA ALA B 190 -6.70 -12.94 7.60
C ALA B 190 -7.17 -11.83 8.55
N ALA B 191 -6.49 -11.62 9.66
CA ALA B 191 -6.88 -10.54 10.56
C ALA B 191 -6.63 -9.19 9.88
N VAL B 192 -5.46 -9.03 9.28
CA VAL B 192 -5.16 -7.78 8.59
C VAL B 192 -6.14 -7.49 7.44
N ARG B 193 -6.48 -8.53 6.69
CA ARG B 193 -7.41 -8.38 5.59
C ARG B 193 -8.72 -7.78 6.07
N ARG B 194 -9.17 -8.27 7.22
CA ARG B 194 -10.44 -7.82 7.78
C ARG B 194 -10.35 -6.37 8.29
N GLU B 195 -9.23 -6.05 8.95
CA GLU B 195 -8.99 -4.69 9.46
C GLU B 195 -8.96 -3.62 8.37
N ILE B 196 -8.50 -3.98 7.17
CA ILE B 196 -8.39 -3.00 6.09
C ILE B 196 -9.53 -3.08 5.10
N GLY B 197 -10.12 -4.26 4.98
CA GLY B 197 -11.41 -4.43 4.34
C GLY B 197 -11.43 -4.25 2.84
N VAL B 198 -10.28 -4.03 2.21
CA VAL B 198 -10.23 -3.66 0.82
C VAL B 198 -9.69 -4.84 0.05
N PRO B 199 -10.14 -5.05 -1.18
CA PRO B 199 -9.61 -6.21 -1.93
C PRO B 199 -8.14 -6.08 -2.21
N THR B 200 -7.37 -7.16 -2.02
CA THR B 200 -5.96 -7.15 -2.35
C THR B 200 -5.53 -8.37 -3.14
N VAL B 201 -4.24 -8.40 -3.46
CA VAL B 201 -3.65 -9.59 -4.04
C VAL B 201 -3.96 -10.85 -3.23
N PHE B 202 -4.18 -10.73 -1.93
CA PHE B 202 -4.49 -11.93 -1.14
C PHE B 202 -5.82 -12.55 -1.54
N ASN B 203 -6.70 -11.76 -2.16
CA ASN B 203 -7.99 -12.27 -2.64
C ASN B 203 -7.88 -13.30 -3.75
N LEU B 204 -6.70 -13.43 -4.36
CA LEU B 204 -6.46 -14.42 -5.41
C LEU B 204 -6.06 -15.76 -4.91
N LEU B 205 -5.72 -15.87 -3.62
CA LEU B 205 -4.99 -17.02 -3.20
C LEU B 205 -5.88 -18.24 -2.99
N GLY B 206 -7.15 -18.01 -2.63
CA GLY B 206 -8.08 -19.11 -2.37
C GLY B 206 -8.07 -20.20 -3.43
N PRO B 207 -8.33 -19.83 -4.69
CA PRO B 207 -8.34 -20.79 -5.79
C PRO B 207 -6.99 -21.46 -6.06
N LEU B 208 -5.91 -20.83 -5.60
CA LEU B 208 -4.56 -21.30 -5.87
C LEU B 208 -3.94 -22.09 -4.77
N THR B 209 -4.66 -22.25 -3.67
CA THR B 209 -4.17 -22.96 -2.50
C THR B 209 -5.17 -24.02 -2.04
N ASN B 210 -5.97 -24.53 -2.97
CA ASN B 210 -6.87 -25.60 -2.65
C ASN B 210 -6.03 -26.80 -2.22
N PRO B 211 -6.22 -27.26 -0.98
CA PRO B 211 -5.26 -28.26 -0.48
C PRO B 211 -5.27 -29.59 -1.21
N ALA B 212 -6.35 -29.88 -1.94
CA ALA B 212 -6.44 -31.11 -2.71
C ALA B 212 -5.72 -31.00 -4.04
N ARG B 213 -5.33 -29.79 -4.41
CA ARG B 213 -4.57 -29.57 -5.66
C ARG B 213 -5.27 -30.18 -6.87
N PRO B 214 -6.53 -29.86 -7.09
CA PRO B 214 -7.15 -30.26 -8.36
C PRO B 214 -6.39 -29.68 -9.54
N ARG B 215 -6.34 -30.42 -10.63
CA ARG B 215 -5.65 -29.99 -11.86
C ARG B 215 -6.57 -29.37 -12.92
N ALA B 216 -7.86 -29.28 -12.62
CA ALA B 216 -8.82 -28.60 -13.45
C ALA B 216 -9.71 -27.73 -12.62
N GLY B 217 -10.25 -26.69 -13.25
CA GLY B 217 -11.24 -25.90 -12.58
C GLY B 217 -11.99 -24.93 -13.45
N LEU B 218 -13.06 -24.43 -12.86
CA LEU B 218 -13.74 -23.28 -13.35
C LEU B 218 -13.57 -22.22 -12.28
N ILE B 219 -12.74 -21.23 -12.56
CA ILE B 219 -12.39 -20.20 -11.62
C ILE B 219 -12.99 -18.84 -12.03
N GLY B 220 -13.98 -18.36 -11.28
CA GLY B 220 -14.57 -17.04 -11.54
C GLY B 220 -13.80 -15.86 -10.91
N CYS B 221 -13.64 -14.78 -11.65
CA CYS B 221 -12.91 -13.64 -11.10
C CYS B 221 -13.78 -12.37 -11.16
N ALA B 222 -13.87 -11.68 -10.03
CA ALA B 222 -14.51 -10.36 -9.97
C ALA B 222 -13.89 -9.32 -10.94
N PHE B 223 -12.57 -9.35 -11.11
CA PHE B 223 -11.83 -8.28 -11.82
C PHE B 223 -10.99 -8.78 -12.98
N ALA B 224 -11.35 -8.37 -14.19
CA ALA B 224 -10.70 -8.82 -15.42
C ALA B 224 -9.18 -8.61 -15.51
N ASP B 225 -8.65 -7.67 -14.73
CA ASP B 225 -7.23 -7.36 -14.77
C ASP B 225 -6.46 -8.56 -14.21
N LEU B 226 -6.81 -8.93 -12.98
CA LEU B 226 -6.14 -10.00 -12.27
C LEU B 226 -6.48 -11.41 -12.77
N ALA B 227 -7.44 -11.50 -13.69
CA ALA B 227 -7.86 -12.78 -14.22
C ALA B 227 -6.75 -13.35 -15.09
N GLU B 228 -6.13 -12.48 -15.89
CA GLU B 228 -5.04 -12.91 -16.78
C GLU B 228 -3.83 -13.36 -15.94
N VAL B 229 -3.65 -12.76 -14.77
CA VAL B 229 -2.62 -13.18 -13.86
C VAL B 229 -3.00 -14.54 -13.28
N MET B 230 -4.24 -14.67 -12.83
CA MET B 230 -4.73 -15.94 -12.32
C MET B 230 -4.55 -17.06 -13.35
N ALA B 231 -4.94 -16.80 -14.58
CA ALA B 231 -4.69 -17.75 -15.64
C ALA B 231 -3.21 -18.14 -15.75
N GLY B 232 -2.34 -17.15 -15.59
CA GLY B 232 -0.91 -17.38 -15.68
C GLY B 232 -0.41 -18.40 -14.69
N VAL B 233 -0.86 -18.33 -13.46
CA VAL B 233 -0.40 -19.25 -12.45
C VAL B 233 -0.87 -20.64 -12.79
N PHE B 234 -2.13 -20.77 -13.19
CA PHE B 234 -2.63 -22.10 -13.55
C PHE B 234 -1.88 -22.66 -14.75
N ALA B 235 -1.45 -21.77 -15.64
CA ALA B 235 -0.71 -22.19 -16.83
C ALA B 235 0.67 -22.75 -16.47
N ALA B 236 1.32 -22.13 -15.49
CA ALA B 236 2.61 -22.61 -15.00
C ALA B 236 2.42 -23.96 -14.31
N ARG B 237 1.28 -24.14 -13.65
CA ARG B 237 0.96 -25.43 -13.06
C ARG B 237 0.55 -26.51 -14.04
N ARG B 238 0.35 -26.16 -15.30
CA ARG B 238 -0.17 -27.09 -16.33
C ARG B 238 -1.56 -27.64 -16.08
N SER B 239 -2.37 -26.85 -15.38
CA SER B 239 -3.76 -27.20 -15.10
C SER B 239 -4.65 -26.99 -16.33
N SER B 240 -5.82 -27.63 -16.36
CA SER B 240 -6.85 -27.35 -17.36
C SER B 240 -7.96 -26.56 -16.68
N VAL B 241 -7.99 -25.26 -16.96
CA VAL B 241 -8.81 -24.34 -16.23
C VAL B 241 -9.46 -23.36 -17.19
N LEU B 242 -10.70 -23.00 -16.89
CA LEU B 242 -11.37 -21.84 -17.44
C LEU B 242 -11.51 -20.81 -16.35
N VAL B 243 -10.81 -19.69 -16.55
CA VAL B 243 -10.95 -18.53 -15.68
C VAL B 243 -11.94 -17.65 -16.37
N VAL B 244 -12.97 -17.26 -15.64
CA VAL B 244 -14.09 -16.62 -16.28
C VAL B 244 -14.46 -15.32 -15.58
N HIS B 245 -14.92 -14.37 -16.37
CA HIS B 245 -15.44 -13.11 -15.86
C HIS B 245 -16.66 -12.70 -16.67
N GLY B 246 -17.74 -12.41 -15.97
CA GLY B 246 -18.92 -11.85 -16.59
C GLY B 246 -18.59 -10.42 -16.98
N ASP B 247 -18.89 -10.06 -18.23
CA ASP B 247 -18.70 -8.70 -18.72
C ASP B 247 -19.63 -7.71 -18.04
N ASP B 248 -20.49 -8.20 -17.16
CA ASP B 248 -21.33 -7.40 -16.27
C ASP B 248 -20.84 -7.43 -14.81
N GLY B 249 -19.61 -7.88 -14.58
CA GLY B 249 -19.00 -7.90 -13.24
C GLY B 249 -19.15 -9.17 -12.38
N LEU B 250 -19.82 -10.19 -12.91
CA LEU B 250 -19.97 -11.45 -12.17
C LEU B 250 -18.67 -12.24 -12.11
N ASP B 251 -18.43 -12.89 -10.99
CA ASP B 251 -17.32 -13.83 -10.89
C ASP B 251 -17.77 -15.28 -11.26
N GLU B 252 -18.64 -15.38 -12.27
CA GLU B 252 -19.18 -16.66 -12.75
C GLU B 252 -19.43 -16.44 -14.22
N LEU B 253 -19.74 -17.49 -14.97
CA LEU B 253 -20.20 -17.29 -16.36
C LEU B 253 -21.59 -16.73 -16.24
N THR B 254 -21.93 -15.73 -17.06
CA THR B 254 -23.19 -14.99 -16.89
C THR B 254 -24.28 -15.35 -17.94
N THR B 255 -25.55 -15.21 -17.55
CA THR B 255 -26.68 -15.27 -18.51
C THR B 255 -27.21 -13.88 -18.89
N THR B 256 -26.81 -12.85 -18.14
CA THR B 256 -27.29 -11.47 -18.41
C THR B 256 -26.60 -10.83 -19.62
N THR B 257 -25.37 -11.21 -19.88
CA THR B 257 -24.66 -10.75 -21.06
C THR B 257 -23.58 -11.75 -21.43
N THR B 258 -22.55 -11.28 -22.12
CA THR B 258 -21.43 -12.12 -22.48
C THR B 258 -20.44 -12.26 -21.34
N SER B 259 -19.46 -13.14 -21.54
CA SER B 259 -18.40 -13.34 -20.56
C SER B 259 -17.06 -13.37 -21.28
N THR B 260 -16.01 -13.04 -20.53
CA THR B 260 -14.64 -13.25 -20.95
C THR B 260 -14.11 -14.55 -20.33
N ILE B 261 -13.44 -15.35 -21.14
CA ILE B 261 -12.86 -16.59 -20.67
C ILE B 261 -11.40 -16.68 -21.05
N TRP B 262 -10.56 -16.97 -20.07
CA TRP B 262 -9.16 -17.32 -20.33
C TRP B 262 -9.05 -18.84 -20.27
N ARG B 263 -8.91 -19.48 -21.44
CA ARG B 263 -8.76 -20.94 -21.49
C ARG B 263 -7.29 -21.31 -21.24
N VAL B 264 -7.03 -22.03 -20.17
CA VAL B 264 -5.68 -22.46 -19.85
C VAL B 264 -5.53 -23.94 -20.23
N ALA B 265 -4.62 -24.22 -21.14
CA ALA B 265 -4.41 -25.58 -21.61
C ALA B 265 -2.99 -25.75 -22.07
N ALA B 266 -2.44 -26.93 -21.79
CA ALA B 266 -1.09 -27.29 -22.20
C ALA B 266 -0.06 -26.19 -21.86
N GLY B 267 -0.19 -25.54 -20.71
CA GLY B 267 0.76 -24.50 -20.34
C GLY B 267 0.62 -23.17 -21.07
N SER B 268 -0.35 -23.00 -21.96
CA SER B 268 -0.64 -21.66 -22.52
C SER B 268 -2.06 -21.16 -22.19
N VAL B 269 -2.13 -19.87 -21.88
CA VAL B 269 -3.37 -19.11 -21.77
C VAL B 269 -3.84 -18.65 -23.16
N ASP B 270 -5.12 -18.35 -23.25
CA ASP B 270 -5.79 -18.07 -24.50
C ASP B 270 -7.13 -17.32 -24.20
N LYS B 271 -7.20 -16.04 -24.54
CA LYS B 271 -8.37 -15.20 -24.17
C LYS B 271 -9.46 -15.19 -25.27
N LEU B 272 -10.71 -15.16 -24.81
CA LEU B 272 -11.90 -15.45 -25.64
C LEU B 272 -13.11 -14.68 -25.15
N THR B 273 -14.02 -14.35 -26.05
CA THR B 273 -15.32 -13.87 -25.63
C THR B 273 -16.33 -14.99 -25.92
N PHE B 274 -17.16 -15.24 -24.92
CA PHE B 274 -18.09 -16.34 -24.91
C PHE B 274 -19.47 -15.74 -24.78
N ASP B 275 -20.41 -16.28 -25.53
CA ASP B 275 -21.77 -15.76 -25.54
C ASP B 275 -22.80 -16.89 -25.42
N PRO B 276 -23.48 -16.99 -24.28
CA PRO B 276 -24.41 -18.10 -24.05
C PRO B 276 -25.59 -18.18 -25.05
N ALA B 277 -26.02 -17.07 -25.62
CA ALA B 277 -27.08 -17.10 -26.64
C ALA B 277 -26.75 -18.04 -27.80
N GLY B 278 -25.46 -18.31 -28.04
CA GLY B 278 -25.05 -19.31 -29.05
C GLY B 278 -25.38 -20.77 -28.72
N PHE B 279 -25.91 -21.02 -27.51
CA PHE B 279 -26.48 -22.32 -27.13
C PHE B 279 -27.96 -22.21 -26.77
N GLY B 280 -28.57 -21.08 -27.08
CA GLY B 280 -30.01 -20.86 -26.88
C GLY B 280 -30.43 -20.45 -25.48
N PHE B 281 -29.57 -19.72 -24.78
CA PHE B 281 -29.91 -19.17 -23.45
C PHE B 281 -30.45 -17.75 -23.64
N ALA B 282 -31.58 -17.47 -23.03
CA ALA B 282 -32.19 -16.15 -23.08
C ALA B 282 -31.38 -15.20 -22.24
N ARG B 283 -31.40 -13.92 -22.60
CA ARG B 283 -30.82 -12.91 -21.74
C ARG B 283 -31.64 -12.79 -20.46
N ALA B 284 -30.94 -12.69 -19.34
CA ALA B 284 -31.61 -12.56 -18.06
C ALA B 284 -31.22 -11.26 -17.36
N GLN B 285 -31.91 -10.97 -16.25
CA GLN B 285 -31.72 -9.75 -15.46
C GLN B 285 -30.93 -10.07 -14.20
N LEU B 286 -29.95 -9.24 -13.89
CA LEU B 286 -29.06 -9.47 -12.77
C LEU B 286 -29.85 -9.71 -11.47
N ASP B 287 -30.97 -9.04 -11.27
CA ASP B 287 -31.73 -9.24 -10.02
C ASP B 287 -32.50 -10.57 -9.96
N GLN B 288 -32.60 -11.28 -11.08
CA GLN B 288 -33.22 -12.61 -11.09
C GLN B 288 -32.32 -13.68 -10.47
N LEU B 289 -31.03 -13.35 -10.36
CA LEU B 289 -30.02 -14.20 -9.72
C LEU B 289 -29.65 -13.70 -8.31
N ALA B 290 -30.53 -12.92 -7.68
CA ALA B 290 -30.21 -12.25 -6.42
C ALA B 290 -30.30 -13.19 -5.21
N GLY B 291 -29.29 -13.13 -4.35
CA GLY B 291 -29.21 -14.00 -3.18
C GLY B 291 -29.89 -13.41 -1.96
N GLY B 292 -29.61 -14.01 -0.80
CA GLY B 292 -30.11 -13.55 0.51
C GLY B 292 -29.37 -14.27 1.61
N ASP B 293 -30.01 -14.38 2.78
CA ASP B 293 -29.41 -15.11 3.90
C ASP B 293 -29.26 -16.63 3.61
N ALA B 294 -28.52 -17.32 4.46
CA ALA B 294 -28.20 -18.72 4.22
C ALA B 294 -29.43 -19.58 4.01
N GLN B 295 -30.55 -19.21 4.62
CA GLN B 295 -31.82 -19.92 4.47
C GLN B 295 -32.42 -19.78 3.07
N ALA B 296 -32.26 -18.58 2.51
CA ALA B 296 -32.80 -18.25 1.19
C ALA B 296 -32.00 -18.98 0.13
N ASN B 297 -30.68 -18.85 0.17
CA ASN B 297 -29.83 -19.54 -0.80
C ASN B 297 -29.99 -21.03 -0.74
N ALA B 298 -30.20 -21.58 0.46
CA ALA B 298 -30.45 -23.02 0.63
C ALA B 298 -31.76 -23.44 -0.05
N ALA B 299 -32.80 -22.63 0.08
CA ALA B 299 -34.08 -22.89 -0.61
C ALA B 299 -33.94 -22.79 -2.14
N ALA B 300 -33.07 -21.92 -2.63
CA ALA B 300 -32.83 -21.79 -4.10
C ALA B 300 -32.07 -23.00 -4.63
N VAL B 301 -31.11 -23.50 -3.85
CA VAL B 301 -30.44 -24.75 -4.20
C VAL B 301 -31.46 -25.87 -4.32
N ARG B 302 -32.31 -26.00 -3.32
CA ARG B 302 -33.33 -27.06 -3.29
C ARG B 302 -34.21 -26.99 -4.52
N ALA B 303 -34.58 -25.78 -4.91
CA ALA B 303 -35.51 -25.58 -6.00
C ALA B 303 -34.90 -26.03 -7.32
N VAL B 304 -33.67 -25.57 -7.57
CA VAL B 304 -32.97 -25.92 -8.78
C VAL B 304 -32.73 -27.43 -8.85
N LEU B 305 -32.18 -28.00 -7.80
CA LEU B 305 -31.90 -29.44 -7.82
C LEU B 305 -33.18 -30.23 -8.04
N GLY B 306 -34.30 -29.69 -7.56
CA GLY B 306 -35.60 -30.32 -7.68
C GLY B 306 -36.19 -30.21 -9.07
N GLY B 307 -35.57 -29.43 -9.95
CA GLY B 307 -36.01 -29.35 -11.34
C GLY B 307 -36.63 -28.04 -11.79
N ALA B 308 -36.70 -27.05 -10.91
CA ALA B 308 -37.30 -25.76 -11.29
C ALA B 308 -36.52 -25.06 -12.42
N ARG B 309 -37.25 -24.62 -13.44
CA ARG B 309 -36.65 -23.95 -14.59
C ARG B 309 -36.59 -22.46 -14.32
N GLY B 310 -35.80 -21.75 -15.12
CA GLY B 310 -35.60 -20.30 -14.98
C GLY B 310 -34.14 -19.89 -15.07
N PRO B 311 -33.86 -18.60 -14.83
CA PRO B 311 -32.53 -18.00 -15.00
C PRO B 311 -31.48 -18.61 -14.11
N VAL B 312 -31.87 -19.00 -12.91
CA VAL B 312 -30.96 -19.58 -11.93
C VAL B 312 -30.46 -20.93 -12.42
N ARG B 313 -31.37 -21.86 -12.68
CA ARG B 313 -31.05 -23.13 -13.34
C ARG B 313 -30.17 -22.92 -14.52
N ASP B 314 -30.59 -22.02 -15.41
CA ASP B 314 -29.78 -21.74 -16.61
C ASP B 314 -28.34 -21.39 -16.21
N ALA B 315 -28.20 -20.52 -15.21
CA ALA B 315 -26.88 -20.03 -14.81
C ALA B 315 -26.06 -21.18 -14.26
N VAL B 316 -26.71 -22.02 -13.47
CA VAL B 316 -26.06 -23.18 -12.86
C VAL B 316 -25.60 -24.21 -13.91
N VAL B 317 -26.45 -24.50 -14.88
CA VAL B 317 -26.10 -25.39 -15.99
C VAL B 317 -24.93 -24.85 -16.83
N LEU B 318 -24.93 -23.54 -17.03
CA LEU B 318 -23.88 -22.91 -17.80
C LEU B 318 -22.51 -23.07 -17.16
N ASN B 319 -22.48 -22.84 -15.86
CA ASN B 319 -21.22 -22.88 -15.14
C ASN B 319 -20.78 -24.30 -14.87
N ALA B 320 -21.72 -25.21 -14.67
CA ALA B 320 -21.40 -26.63 -14.51
C ALA B 320 -20.73 -27.20 -15.74
N ALA B 321 -21.29 -26.84 -16.91
CA ALA B 321 -20.74 -27.27 -18.19
C ALA B 321 -19.30 -26.79 -18.37
N GLY B 322 -19.07 -25.53 -18.00
CA GLY B 322 -17.73 -24.94 -18.04
C GLY B 322 -16.73 -25.74 -17.23
N ALA B 323 -17.14 -26.10 -16.05
CA ALA B 323 -16.28 -26.94 -15.23
C ALA B 323 -16.08 -28.31 -15.91
N ILE B 324 -17.14 -28.87 -16.50
CA ILE B 324 -16.99 -30.14 -17.21
C ILE B 324 -16.12 -30.02 -18.44
N VAL B 325 -16.25 -28.92 -19.15
CA VAL B 325 -15.31 -28.63 -20.25
C VAL B 325 -13.87 -28.53 -19.75
N ALA B 326 -13.65 -27.95 -18.56
CA ALA B 326 -12.29 -27.85 -18.05
C ALA B 326 -11.79 -29.22 -17.71
N HIS B 327 -12.67 -30.04 -17.13
CA HIS B 327 -12.31 -31.42 -16.78
C HIS B 327 -11.93 -32.22 -18.03
N ALA B 328 -12.68 -32.04 -19.12
CA ALA B 328 -12.40 -32.77 -20.38
C ALA B 328 -11.03 -32.42 -20.93
N GLY B 329 -10.60 -31.19 -20.67
CA GLY B 329 -9.30 -30.71 -21.12
C GLY B 329 -8.10 -31.45 -20.52
N LEU B 330 -8.29 -32.15 -19.41
CA LEU B 330 -7.21 -32.90 -18.81
C LEU B 330 -6.73 -34.04 -19.71
N SER B 331 -7.65 -34.93 -20.07
CA SER B 331 -7.30 -36.18 -20.74
C SER B 331 -7.76 -36.22 -22.20
N SER B 332 -7.80 -35.07 -22.85
CA SER B 332 -8.31 -34.99 -24.23
C SER B 332 -7.99 -33.63 -24.80
N ARG B 333 -7.79 -33.58 -26.12
CA ARG B 333 -7.68 -32.29 -26.78
C ARG B 333 -8.93 -32.12 -27.65
N ALA B 334 -10.10 -32.28 -27.01
CA ALA B 334 -11.40 -32.17 -27.71
C ALA B 334 -11.76 -30.73 -28.11
N GLU B 335 -12.51 -30.61 -29.21
CA GLU B 335 -12.89 -29.31 -29.75
C GLU B 335 -13.87 -28.58 -28.82
N TRP B 336 -13.73 -27.27 -28.79
CA TRP B 336 -14.53 -26.34 -27.98
C TRP B 336 -16.07 -26.51 -28.02
N LEU B 337 -16.69 -26.38 -29.20
CA LEU B 337 -18.17 -26.35 -29.26
C LEU B 337 -18.83 -27.66 -28.88
N PRO B 338 -18.27 -28.80 -29.32
CA PRO B 338 -18.77 -30.10 -28.87
C PRO B 338 -18.52 -30.34 -27.39
N ALA B 339 -17.40 -29.85 -26.87
CA ALA B 339 -17.14 -29.99 -25.47
C ALA B 339 -18.24 -29.28 -24.68
N TRP B 340 -18.57 -28.05 -25.06
CA TRP B 340 -19.69 -27.34 -24.40
C TRP B 340 -21.05 -28.01 -24.62
N GLU B 341 -21.23 -28.63 -25.77
CA GLU B 341 -22.49 -29.35 -25.99
C GLU B 341 -22.65 -30.58 -25.08
N GLU B 342 -21.61 -31.42 -24.95
CA GLU B 342 -21.64 -32.57 -24.01
C GLU B 342 -21.78 -32.01 -22.59
N GLY B 343 -20.97 -31.01 -22.30
CA GLY B 343 -21.01 -30.36 -21.01
C GLY B 343 -22.39 -29.91 -20.60
N LEU B 344 -23.06 -29.18 -21.48
CA LEU B 344 -24.43 -28.73 -21.21
C LEU B 344 -25.44 -29.89 -21.15
N ARG B 345 -25.31 -30.89 -22.02
CA ARG B 345 -26.25 -32.04 -21.90
C ARG B 345 -26.02 -32.80 -20.57
N ARG B 346 -24.77 -33.03 -20.15
CA ARG B 346 -24.50 -33.73 -18.86
C ARG B 346 -24.92 -32.98 -17.59
N ALA B 347 -24.80 -31.66 -17.60
CA ALA B 347 -25.31 -30.88 -16.51
C ALA B 347 -26.82 -30.93 -16.43
N SER B 348 -27.49 -30.74 -17.56
CA SER B 348 -28.94 -30.83 -17.58
C SER B 348 -29.41 -32.17 -17.09
N ALA B 349 -28.83 -33.22 -17.65
CA ALA B 349 -29.21 -34.58 -17.29
C ALA B 349 -29.00 -34.83 -15.79
N ALA B 350 -27.86 -34.36 -15.28
CA ALA B 350 -27.51 -34.54 -13.89
C ALA B 350 -28.60 -34.01 -13.01
N ILE B 351 -29.19 -32.88 -13.38
CA ILE B 351 -30.34 -32.39 -12.63
C ILE B 351 -31.61 -33.21 -12.94
N ASP B 352 -31.93 -33.40 -14.22
CA ASP B 352 -33.24 -33.94 -14.56
C ASP B 352 -33.36 -35.42 -14.31
N THR B 353 -32.25 -36.13 -14.18
CA THR B 353 -32.33 -37.50 -13.73
C THR B 353 -32.56 -37.60 -12.23
N GLY B 354 -32.50 -36.48 -11.50
CA GLY B 354 -32.51 -36.47 -10.03
C GLY B 354 -31.16 -36.77 -9.41
N ALA B 355 -30.11 -36.92 -10.21
CA ALA B 355 -28.84 -37.29 -9.65
C ALA B 355 -28.32 -36.18 -8.72
N ALA B 356 -28.51 -34.95 -9.12
CA ALA B 356 -27.94 -33.87 -8.37
C ALA B 356 -28.63 -33.75 -7.03
N GLU B 357 -29.96 -33.75 -7.02
CA GLU B 357 -30.70 -33.84 -5.76
C GLU B 357 -30.24 -35.04 -4.88
N GLN B 358 -30.07 -36.21 -5.49
CA GLN B 358 -29.70 -37.39 -4.74
C GLN B 358 -28.32 -37.22 -4.12
N LEU B 359 -27.43 -36.58 -4.87
CA LEU B 359 -26.04 -36.45 -4.44
C LEU B 359 -25.94 -35.51 -3.22
N LEU B 360 -26.71 -34.41 -3.24
CA LEU B 360 -26.77 -33.56 -2.08
C LEU B 360 -27.25 -34.36 -0.88
N ALA B 361 -28.22 -35.25 -1.08
CA ALA B 361 -28.76 -36.02 0.05
C ALA B 361 -27.70 -36.97 0.56
N ARG B 362 -26.88 -37.49 -0.36
CA ARG B 362 -25.81 -38.43 -0.03
C ARG B 362 -24.73 -37.74 0.82
N TRP B 363 -24.44 -36.50 0.44
CA TRP B 363 -23.47 -35.65 1.09
C TRP B 363 -23.89 -35.36 2.53
N VAL B 364 -25.15 -34.93 2.69
CA VAL B 364 -25.75 -34.70 4.02
C VAL B 364 -25.77 -35.99 4.85
N ARG B 365 -26.20 -37.10 4.28
CA ARG B 365 -26.19 -38.36 5.01
C ARG B 365 -24.76 -38.74 5.50
N PHE B 366 -23.77 -38.53 4.65
CA PHE B 366 -22.38 -38.86 4.96
C PHE B 366 -21.91 -38.10 6.20
N GLY B 367 -22.15 -36.81 6.21
CA GLY B 367 -21.86 -36.01 7.39
C GLY B 367 -22.52 -36.54 8.65
N ARG B 368 -23.80 -36.94 8.56
CA ARG B 368 -24.55 -37.43 9.70
C ARG B 368 -24.00 -38.78 10.25
N GLN B 369 -23.34 -39.58 9.41
CA GLN B 369 -22.71 -40.83 9.88
C GLN B 369 -21.46 -40.62 10.71
N ILE B 370 -20.83 -39.47 10.57
CA ILE B 370 -19.57 -39.24 11.27
C ILE B 370 -19.76 -39.38 12.79
N LEU B 371 -20.93 -38.98 13.29
CA LEU B 371 -21.55 -39.50 14.55
C LEU B 371 -21.85 -38.39 15.56
P1 POP C . 20.33 18.12 8.02
O1 POP C . 21.17 19.20 8.67
O2 POP C . 19.90 18.43 6.59
O3 POP C . 20.84 16.70 8.23
O POP C . 18.94 18.23 8.89
P2 POP C . 17.42 18.00 8.35
O4 POP C . 16.62 18.75 9.38
O5 POP C . 17.36 18.65 6.97
O6 POP C . 17.18 16.49 8.34
OAC 4M0 D . 7.01 8.66 19.14
CAH 4M0 D . 7.77 8.89 18.14
OAD 4M0 D . 8.66 8.06 17.86
CAK 4M0 D . 7.64 10.02 17.32
CAF 4M0 D . 8.52 10.12 16.22
CAE 4M0 D . 8.47 11.20 15.33
CAI 4M0 D . 7.54 12.23 15.53
CAA 4M0 D . 7.49 13.30 14.64
CAG 4M0 D . 6.66 12.16 16.62
CAJ 4M0 D . 6.71 11.07 17.49
NAB 4M0 D . 5.83 11.01 18.52
P1 POP E . -17.50 -19.46 -4.27
O1 POP E . -17.22 -18.38 -3.20
O2 POP E . -17.58 -18.95 -5.72
O3 POP E . -16.66 -20.71 -4.18
O POP E . -18.99 -20.03 -3.90
P2 POP E . -20.40 -19.41 -4.46
O4 POP E . -20.77 -18.31 -3.47
O5 POP E . -20.08 -18.95 -5.88
O6 POP E . -21.36 -20.60 -4.39
OAC 4M0 F . -9.67 -16.49 10.02
CAH 4M0 F . -8.70 -17.18 9.70
OAD 4M0 F . -7.87 -17.42 10.59
CAK 4M0 F . -8.54 -17.67 8.39
CAF 4M0 F . -9.33 -17.14 7.35
CAE 4M0 F . -9.20 -17.61 6.03
CAI 4M0 F . -8.29 -18.62 5.71
CAA 4M0 F . -8.17 -19.05 4.36
CAG 4M0 F . -7.48 -19.14 6.72
CAJ 4M0 F . -7.61 -18.67 8.04
NAB 4M0 F . -6.84 -19.18 9.00
N1 IMD G . -36.11 -35.09 -9.30
C2 IMD G . -35.48 -33.92 -9.50
N3 IMD G . -35.67 -33.55 -10.78
C4 IMD G . -36.42 -34.49 -11.39
C5 IMD G . -36.70 -35.46 -10.45
#